data_6ZUP
#
_entry.id   6ZUP
#
_cell.length_a   71.390
_cell.length_b   60.390
_cell.length_c   81.940
_cell.angle_alpha   90.000
_cell.angle_beta   103.000
_cell.angle_gamma   90.000
#
_symmetry.space_group_name_H-M   'P 1 21 1'
#
loop_
_entity.id
_entity.type
_entity.pdbx_description
1 polymer Aminotransferase
2 non-polymer 'MAGNESIUM ION'
3 non-polymer "PYRIDOXAL-5'-PHOSPHATE"
4 non-polymer 'NITRATE ION'
5 non-polymer 'ALPHA-HYDROXY-BETA-PHENYL-PROPIONIC ACID'
6 water water
#
_entity_poly.entity_id   1
_entity_poly.type   'polypeptide(L)'
_entity_poly.pdbx_seq_one_letter_code
;MFERIDYYAGDPILGLVEKFAADNNPDKVNLGIGIYYDESGVMPVLDCVKIAEQRIADPISPRPYLPMAGLPGHRKGCQE
LLFGKDAPVLKDGLVATIATIGGSGALKVGAEFIHEWFPQSKCYVSDPTWGNHIAIFEGCDIEVGKYPYYDTATGGIKFD
EMIAFFETLNKDDVLLLHPCCHNPTGVDLTREQWDTVLNVIQERELIPFMDIAYQGFGEDMDSDAYAIRKAVDMGLPLFV
SNSFSKNLSLYGERVGGLSVVCPTVDETERVFGQLNSTVRRIYSSPPSHGGRVVDIVMNDAALHEQWVGEVYAMRDRIKS
MRTKLKSVLEAKISGRNFDYLTAQNGMFSFTGLTPEQVERLQSEFGIYMISNSRMCVAGLNSSNIDYVANAMVDVLKD
;
_entity_poly.pdbx_strand_id   B,A
#
# COMPACT_ATOMS: atom_id res chain seq x y z
N MET A 1 -28.28 8.98 -1.16
CA MET A 1 -27.25 8.59 -0.15
C MET A 1 -25.88 9.23 -0.41
N PHE A 2 -25.35 9.03 -1.61
CA PHE A 2 -24.03 9.56 -2.00
C PHE A 2 -24.12 10.78 -2.91
N GLU A 3 -25.06 11.66 -2.60
CA GLU A 3 -25.24 12.93 -3.29
C GLU A 3 -24.05 13.87 -3.03
N ARG A 4 -23.57 13.90 -1.79
CA ARG A 4 -22.46 14.77 -1.33
C ARG A 4 -21.13 14.48 -2.04
N ILE A 5 -20.97 13.24 -2.53
CA ILE A 5 -19.74 12.75 -3.14
C ILE A 5 -19.45 13.47 -4.45
N ASP A 6 -18.28 14.10 -4.47
CA ASP A 6 -17.83 14.88 -5.61
C ASP A 6 -17.13 14.00 -6.66
N TYR A 7 -17.30 14.35 -7.94
CA TYR A 7 -16.61 13.67 -9.04
C TYR A 7 -15.14 13.93 -8.93
N TYR A 8 -14.33 12.97 -9.36
CA TYR A 8 -12.88 13.15 -9.46
C TYR A 8 -12.47 13.60 -10.86
N ALA A 9 -11.63 14.63 -10.91
CA ALA A 9 -11.10 15.15 -12.17
C ALA A 9 -10.08 14.18 -12.79
N GLY A 10 -9.65 13.20 -11.99
CA GLY A 10 -8.57 12.27 -12.34
C GLY A 10 -7.20 12.81 -11.93
N ASP A 11 -6.18 11.94 -11.90
CA ASP A 11 -4.79 12.36 -11.75
C ASP A 11 -4.44 13.21 -12.99
N PRO A 12 -4.09 14.51 -12.80
CA PRO A 12 -3.90 15.47 -13.92
C PRO A 12 -3.04 14.96 -15.09
N ILE A 13 -2.04 14.14 -14.74
CA ILE A 13 -1.21 13.39 -15.67
C ILE A 13 -2.04 12.30 -16.38
N LEU A 14 -2.68 11.42 -15.59
CA LEU A 14 -3.55 10.34 -16.11
C LEU A 14 -4.78 10.85 -16.90
N GLY A 15 -5.25 12.06 -16.57
CA GLY A 15 -6.25 12.76 -17.41
C GLY A 15 -5.74 13.01 -18.83
N LEU A 16 -4.47 13.35 -18.94
CA LEU A 16 -3.81 13.50 -20.21
C LEU A 16 -3.61 12.17 -20.97
N VAL A 17 -3.12 11.15 -20.26
CA VAL A 17 -2.90 9.80 -20.85
C VAL A 17 -4.19 9.17 -21.36
N GLU A 18 -5.30 9.45 -20.66
CA GLU A 18 -6.63 9.01 -21.04
C GLU A 18 -7.02 9.63 -22.38
N LYS A 19 -6.78 10.95 -22.51
CA LYS A 19 -7.04 11.67 -23.75
C LYS A 19 -6.22 11.09 -24.90
N PHE A 20 -4.96 10.76 -24.61
CA PHE A 20 -4.05 10.11 -25.55
C PHE A 20 -4.51 8.70 -25.99
N ALA A 21 -4.82 7.84 -25.01
CA ALA A 21 -5.21 6.44 -25.24
C ALA A 21 -6.52 6.27 -26.02
N ALA A 22 -7.48 7.15 -25.78
CA ALA A 22 -8.74 7.17 -26.52
C ALA A 22 -8.70 8.16 -27.72
N ASP A 23 -7.50 8.63 -28.07
CA ASP A 23 -7.29 9.39 -29.32
C ASP A 23 -6.61 8.51 -30.35
N ASN A 24 -7.20 8.47 -31.54
CA ASN A 24 -6.72 7.62 -32.62
C ASN A 24 -6.11 8.44 -33.76
N ASN A 25 -5.09 9.24 -33.42
CA ASN A 25 -4.23 9.89 -34.42
C ASN A 25 -3.15 8.89 -34.82
N PRO A 26 -2.80 8.81 -36.13
CA PRO A 26 -1.82 7.83 -36.60
C PRO A 26 -0.41 8.11 -36.11
N ASP A 27 -0.04 9.38 -36.01
CA ASP A 27 1.33 9.79 -35.68
C ASP A 27 1.60 10.06 -34.21
N LYS A 28 0.63 9.72 -33.34
CA LYS A 28 0.64 10.17 -31.93
C LYS A 28 1.82 9.64 -31.10
N VAL A 29 2.37 10.53 -30.26
CA VAL A 29 3.48 10.19 -29.33
C VAL A 29 3.15 10.74 -27.94
N ASN A 30 3.40 9.91 -26.90
CA ASN A 30 3.17 10.31 -25.52
C ASN A 30 4.45 10.64 -24.75
N LEU A 31 4.63 11.91 -24.46
CA LEU A 31 5.79 12.39 -23.71
C LEU A 31 5.35 13.04 -22.40
N GLY A 32 4.17 12.65 -21.92
CA GLY A 32 3.57 13.26 -20.73
C GLY A 32 3.55 12.42 -19.46
N ILE A 33 4.32 11.33 -19.43
CA ILE A 33 4.32 10.41 -18.31
C ILE A 33 5.73 10.00 -17.89
N GLY A 34 6.01 10.02 -16.59
CA GLY A 34 7.35 9.76 -16.08
C GLY A 34 7.76 8.29 -16.12
N ILE A 35 7.67 7.68 -17.31
CA ILE A 35 8.03 6.28 -17.50
C ILE A 35 9.21 6.18 -18.46
N TYR A 36 10.19 5.35 -18.14
CA TYR A 36 11.29 5.15 -19.07
C TYR A 36 10.98 4.09 -20.11
N TYR A 37 11.19 4.45 -21.37
CA TYR A 37 11.15 3.49 -22.46
C TYR A 37 12.51 3.39 -23.11
N ASP A 38 12.74 2.27 -23.81
CA ASP A 38 13.97 2.06 -24.59
C ASP A 38 13.81 2.60 -26.02
N GLU A 39 14.69 2.17 -26.93
CA GLU A 39 14.67 2.62 -28.33
C GLU A 39 13.46 2.13 -29.15
N SER A 40 12.92 0.95 -28.82
CA SER A 40 11.69 0.46 -29.48
C SER A 40 10.42 1.12 -28.92
N GLY A 41 10.61 1.89 -27.84
CA GLY A 41 9.54 2.64 -27.20
C GLY A 41 8.78 1.82 -26.18
N VAL A 42 9.31 0.64 -25.87
CA VAL A 42 8.69 -0.26 -24.90
C VAL A 42 9.38 -0.17 -23.53
N MET A 43 8.65 -0.54 -22.49
CA MET A 43 9.19 -0.53 -21.14
C MET A 43 10.11 -1.73 -20.92
N PRO A 44 11.39 -1.47 -20.62
CA PRO A 44 12.37 -2.57 -20.49
C PRO A 44 12.14 -3.42 -19.25
N VAL A 45 12.38 -4.71 -19.39
CA VAL A 45 12.50 -5.63 -18.26
C VAL A 45 14.01 -5.67 -18.01
N LEU A 46 14.50 -5.15 -16.88
CA LEU A 46 15.94 -5.21 -16.65
C LEU A 46 16.41 -6.66 -16.52
N ASP A 47 17.65 -6.89 -16.92
CA ASP A 47 18.26 -8.22 -16.88
C ASP A 47 18.41 -8.70 -15.44
N CYS A 48 18.96 -7.85 -14.57
CA CYS A 48 19.14 -8.20 -13.16
C CYS A 48 17.82 -8.62 -12.47
N VAL A 49 16.74 -7.89 -12.77
CA VAL A 49 15.39 -8.13 -12.28
C VAL A 49 14.90 -9.48 -12.79
N LYS A 50 15.10 -9.72 -14.09
CA LYS A 50 14.67 -10.95 -14.71
C LYS A 50 15.31 -12.11 -13.94
N ILE A 51 16.58 -11.96 -13.58
CA ILE A 51 17.27 -12.99 -12.81
C ILE A 51 16.64 -13.10 -11.42
N ALA A 52 16.36 -11.95 -10.81
CA ALA A 52 15.81 -11.95 -9.45
C ALA A 52 14.51 -12.74 -9.41
N GLU A 53 13.67 -12.50 -10.42
CA GLU A 53 12.35 -13.08 -10.53
C GLU A 53 12.38 -14.57 -10.89
N GLN A 54 13.45 -15.03 -11.54
CA GLN A 54 13.60 -16.49 -11.80
C GLN A 54 14.04 -17.29 -10.57
N ARG A 55 14.82 -16.65 -9.69
CA ARG A 55 15.18 -17.18 -8.36
C ARG A 55 13.88 -17.39 -7.56
N ILE A 56 12.98 -16.41 -7.67
CA ILE A 56 11.72 -16.37 -6.93
C ILE A 56 10.74 -17.48 -7.35
N ALA A 57 10.66 -17.74 -8.65
CA ALA A 57 9.81 -18.79 -9.16
C ALA A 57 10.44 -20.17 -9.03
N ASP A 58 11.63 -20.23 -8.44
CA ASP A 58 12.36 -21.49 -8.30
C ASP A 58 12.86 -21.73 -6.88
N PRO A 59 12.01 -22.34 -6.05
CA PRO A 59 10.63 -22.67 -6.42
C PRO A 59 9.62 -21.64 -5.88
N ILE A 60 8.38 -21.74 -6.38
CA ILE A 60 7.27 -20.99 -5.80
C ILE A 60 7.20 -21.36 -4.31
N SER A 61 7.31 -20.35 -3.45
CA SER A 61 7.36 -20.57 -2.01
C SER A 61 6.10 -20.02 -1.32
N PRO A 62 5.75 -20.58 -0.12
CA PRO A 62 4.65 -20.04 0.69
C PRO A 62 4.89 -18.55 0.90
N ARG A 63 3.83 -17.75 1.04
CA ARG A 63 3.97 -16.32 1.04
C ARG A 63 3.59 -15.64 2.37
N PRO A 64 4.35 -15.89 3.47
CA PRO A 64 4.00 -15.24 4.74
C PRO A 64 4.03 -13.75 4.62
N TYR A 65 3.46 -13.07 5.61
CA TYR A 65 3.52 -11.61 5.71
C TYR A 65 4.97 -11.21 5.81
N LEU A 66 5.36 -10.18 5.09
CA LEU A 66 6.68 -9.55 5.28
C LEU A 66 6.63 -8.80 6.59
N PRO A 67 7.80 -8.50 7.21
CA PRO A 67 7.78 -7.60 8.37
C PRO A 67 7.18 -6.26 7.94
N MET A 68 6.48 -5.58 8.82
CA MET A 68 5.92 -4.28 8.47
C MET A 68 6.95 -3.30 7.82
N ALA A 69 8.18 -3.36 8.32
CA ALA A 69 9.33 -2.66 7.73
C ALA A 69 9.73 -3.18 6.35
N GLY A 70 9.17 -4.32 5.98
CA GLY A 70 9.63 -5.04 4.82
C GLY A 70 10.87 -5.82 5.18
N LEU A 71 11.42 -6.49 4.15
CA LEU A 71 12.56 -7.37 4.35
C LEU A 71 13.76 -6.52 4.72
N PRO A 72 14.64 -7.03 5.61
CA PRO A 72 15.87 -6.32 5.94
C PRO A 72 16.76 -6.09 4.72
N GLY A 73 16.83 -7.06 3.80
CA GLY A 73 17.57 -6.90 2.54
C GLY A 73 17.21 -5.64 1.75
N HIS A 74 15.90 -5.45 1.55
CA HIS A 74 15.28 -4.23 1.01
C HIS A 74 15.81 -3.03 1.79
N ARG A 75 15.67 -3.11 3.11
CA ARG A 75 15.98 -2.00 4.02
C ARG A 75 17.46 -1.58 3.99
N LYS A 76 18.35 -2.56 3.96
CA LYS A 76 19.79 -2.36 3.78
C LYS A 76 20.05 -1.80 2.38
N GLY A 77 19.39 -2.38 1.37
CA GLY A 77 19.49 -1.99 -0.03
C GLY A 77 19.27 -0.51 -0.22
N CYS A 78 18.17 0.00 0.30
CA CYS A 78 17.89 1.44 0.27
C CYS A 78 19.00 2.32 0.89
N GLN A 79 19.46 1.91 2.06
CA GLN A 79 20.40 2.64 2.86
C GLN A 79 21.79 2.75 2.24
N GLU A 80 22.32 1.60 1.81
CA GLU A 80 23.61 1.55 1.16
C GLU A 80 23.57 2.29 -0.16
N LEU A 81 22.43 2.26 -0.83
CA LEU A 81 22.27 3.02 -2.07
C LEU A 81 22.18 4.53 -1.84
N LEU A 82 21.48 4.98 -0.79
CA LEU A 82 21.24 6.42 -0.58
C LEU A 82 22.41 7.09 0.07
N PHE A 83 23.06 6.34 0.95
CA PHE A 83 24.10 6.91 1.80
C PHE A 83 25.54 6.46 1.48
N GLY A 84 25.71 5.25 0.93
CA GLY A 84 27.03 4.72 0.63
C GLY A 84 27.24 3.38 1.26
N LYS A 85 27.87 2.47 0.53
CA LYS A 85 28.22 1.12 1.01
C LYS A 85 29.14 1.24 2.22
N ASP A 86 28.70 0.71 3.35
CA ASP A 86 29.38 0.91 4.65
C ASP A 86 29.71 2.39 5.03
N ALA A 87 28.75 3.27 4.74
CA ALA A 87 28.80 4.70 5.09
C ALA A 87 28.77 4.92 6.61
N PRO A 88 29.46 5.98 7.11
CA PRO A 88 29.58 6.23 8.55
C PRO A 88 28.24 6.31 9.29
N VAL A 89 27.25 6.98 8.67
CA VAL A 89 25.91 7.13 9.24
C VAL A 89 25.20 5.80 9.44
N LEU A 90 25.44 4.87 8.53
CA LEU A 90 24.90 3.54 8.62
C LEU A 90 25.66 2.75 9.65
N LYS A 91 27.00 2.92 9.67
CA LYS A 91 27.86 2.28 10.65
C LYS A 91 27.45 2.64 12.07
N ASP A 92 27.15 3.93 12.26
CA ASP A 92 26.56 4.46 13.48
C ASP A 92 25.18 3.89 13.80
N GLY A 93 24.40 3.58 12.76
CA GLY A 93 23.03 3.11 12.90
C GLY A 93 22.08 4.24 13.24
N LEU A 94 22.27 5.38 12.58
CA LEU A 94 21.48 6.58 12.85
C LEU A 94 20.44 6.84 11.76
N VAL A 95 20.06 5.78 11.07
CA VAL A 95 19.05 5.85 10.02
C VAL A 95 18.00 4.75 10.19
N ALA A 96 16.75 5.19 10.39
CA ALA A 96 15.58 4.31 10.44
C ALA A 96 15.00 4.18 9.03
N THR A 97 14.84 2.93 8.57
CA THR A 97 14.42 2.66 7.17
C THR A 97 13.38 1.54 7.06
N ILE A 98 12.32 1.83 6.31
CA ILE A 98 11.33 0.81 5.96
C ILE A 98 11.18 0.66 4.45
N ALA A 99 10.87 -0.56 4.00
CA ALA A 99 10.32 -0.74 2.66
C ALA A 99 8.97 -0.02 2.61
N THR A 100 8.67 0.63 1.49
CA THR A 100 7.40 1.28 1.30
C THR A 100 6.75 0.91 -0.05
N ILE A 101 5.47 1.29 -0.21
CA ILE A 101 4.71 1.05 -1.46
C ILE A 101 5.11 2.13 -2.45
N GLY A 102 6.24 1.87 -3.13
CA GLY A 102 6.94 2.87 -3.96
C GLY A 102 7.31 4.18 -3.25
N GLY A 103 7.62 5.17 -4.07
CA GLY A 103 7.97 6.50 -3.56
C GLY A 103 6.78 7.13 -2.86
N SER A 104 5.62 7.06 -3.54
CA SER A 104 4.32 7.50 -3.06
C SER A 104 4.16 7.04 -1.60
N GLY A 105 4.23 5.73 -1.39
CA GLY A 105 4.10 5.12 -0.06
C GLY A 105 5.05 5.67 0.97
N ALA A 106 6.30 5.89 0.56
CA ALA A 106 7.34 6.48 1.41
C ALA A 106 7.01 7.92 1.87
N LEU A 107 6.54 8.73 0.93
CA LEU A 107 6.08 10.08 1.24
C LEU A 107 4.90 10.07 2.19
N LYS A 108 3.96 9.14 1.98
CA LYS A 108 2.75 8.99 2.80
C LYS A 108 3.08 8.63 4.24
N VAL A 109 3.88 7.58 4.43
CA VAL A 109 4.31 7.21 5.77
C VAL A 109 5.08 8.35 6.43
N GLY A 110 5.97 8.98 5.66
CA GLY A 110 6.69 10.17 6.10
C GLY A 110 5.77 11.31 6.49
N ALA A 111 4.81 11.62 5.61
CA ALA A 111 3.92 12.73 5.80
C ALA A 111 3.06 12.50 7.04
N GLU A 112 2.45 11.33 7.14
CA GLU A 112 1.65 10.99 8.32
C GLU A 112 2.42 11.15 9.62
N PHE A 113 3.64 10.61 9.70
CA PHE A 113 4.52 10.78 10.85
C PHE A 113 4.62 12.25 11.26
N ILE A 114 4.83 13.10 10.26
CA ILE A 114 4.99 14.54 10.47
C ILE A 114 3.69 15.18 10.94
N HIS A 115 2.59 14.93 10.24
CA HIS A 115 1.30 15.45 10.70
C HIS A 115 1.05 15.17 12.17
N GLU A 116 1.29 13.93 12.60
CA GLU A 116 0.98 13.50 13.95
C GLU A 116 1.91 14.15 14.96
N TRP A 117 3.21 13.90 14.83
CA TRP A 117 4.19 14.32 15.82
C TRP A 117 4.58 15.79 15.79
N PHE A 118 4.39 16.44 14.65
CA PHE A 118 4.71 17.83 14.45
C PHE A 118 3.50 18.53 13.81
N PRO A 119 2.36 18.63 14.55
CA PRO A 119 1.17 19.17 13.87
C PRO A 119 1.37 20.59 13.37
N GLN A 120 2.24 21.34 14.05
CA GLN A 120 2.43 22.74 13.75
C GLN A 120 3.29 23.02 12.55
N SER A 121 4.04 22.00 12.14
CA SER A 121 4.87 22.05 10.95
C SER A 121 4.05 22.19 9.69
N LYS A 122 4.39 23.18 8.89
CA LYS A 122 3.84 23.34 7.56
C LYS A 122 4.80 22.64 6.59
N CYS A 123 4.34 22.34 5.38
CA CYS A 123 5.23 21.79 4.38
C CYS A 123 5.32 22.71 3.18
N TYR A 124 6.53 22.79 2.61
CA TYR A 124 6.77 23.59 1.41
C TYR A 124 7.40 22.77 0.28
N VAL A 125 6.77 22.89 -0.90
CA VAL A 125 7.20 22.23 -2.15
C VAL A 125 7.74 23.23 -3.19
N SER A 126 8.50 22.74 -4.17
CA SER A 126 9.09 23.63 -5.19
C SER A 126 8.00 24.23 -6.07
N ASP A 127 8.28 25.40 -6.64
CA ASP A 127 7.40 25.94 -7.65
C ASP A 127 8.10 25.80 -9.01
N PRO A 128 7.61 24.93 -9.89
CA PRO A 128 6.52 24.01 -9.63
C PRO A 128 7.03 22.69 -9.07
N THR A 129 6.11 21.82 -8.68
CA THR A 129 6.52 20.51 -8.27
C THR A 129 5.62 19.46 -8.93
N TRP A 130 5.93 18.20 -8.63
CA TRP A 130 5.08 17.09 -9.02
C TRP A 130 3.74 17.15 -8.32
N GLY A 131 2.68 16.80 -9.08
CA GLY A 131 1.28 16.83 -8.64
C GLY A 131 0.99 16.12 -7.32
N ASN A 132 1.28 14.82 -7.28
CA ASN A 132 1.10 14.01 -6.06
C ASN A 132 1.83 14.44 -4.78
N HIS A 133 2.81 15.33 -4.90
CA HIS A 133 3.54 15.83 -3.74
C HIS A 133 2.60 16.58 -2.81
N ILE A 134 1.82 17.47 -3.40
CA ILE A 134 0.84 18.30 -2.70
C ILE A 134 -0.31 17.44 -2.14
N ALA A 135 -0.90 16.63 -3.01
CA ALA A 135 -2.00 15.73 -2.68
C ALA A 135 -1.71 14.81 -1.49
N ILE A 136 -0.52 14.23 -1.45
CA ILE A 136 -0.10 13.29 -0.39
C ILE A 136 0.01 13.99 0.96
N PHE A 137 0.68 15.14 0.98
CA PHE A 137 0.82 15.90 2.20
C PHE A 137 -0.50 16.53 2.68
N GLU A 138 -1.22 17.18 1.77
CA GLU A 138 -2.55 17.72 2.09
C GLU A 138 -3.52 16.62 2.53
N GLY A 139 -3.45 15.44 1.89
CA GLY A 139 -4.18 14.26 2.36
C GLY A 139 -3.90 13.84 3.79
N CYS A 140 -2.87 14.40 4.41
CA CYS A 140 -2.56 14.13 5.80
C CYS A 140 -2.99 15.28 6.70
N ASP A 141 -3.65 16.29 6.13
CA ASP A 141 -4.02 17.55 6.83
C ASP A 141 -2.85 18.44 7.17
N ILE A 142 -1.76 18.29 6.42
CA ILE A 142 -0.60 19.17 6.52
C ILE A 142 -0.92 20.37 5.64
N GLU A 143 -0.72 21.58 6.19
CA GLU A 143 -0.87 22.82 5.42
C GLU A 143 0.32 22.92 4.46
N VAL A 144 0.01 23.11 3.18
CA VAL A 144 1.06 23.08 2.14
C VAL A 144 1.10 24.35 1.30
N GLY A 145 2.24 25.06 1.41
CA GLY A 145 2.61 26.18 0.55
C GLY A 145 3.68 25.81 -0.47
N LYS A 146 4.15 26.81 -1.20
CA LYS A 146 5.19 26.61 -2.22
C LYS A 146 6.33 27.60 -2.09
N TYR A 147 7.56 27.09 -2.23
CA TYR A 147 8.75 27.94 -2.34
C TYR A 147 9.08 28.14 -3.82
N PRO A 148 9.50 29.37 -4.18
CA PRO A 148 9.92 29.66 -5.56
C PRO A 148 11.21 28.91 -5.95
N TYR A 149 11.18 28.20 -7.07
CA TYR A 149 12.31 27.39 -7.50
C TYR A 149 12.66 27.82 -8.89
N TYR A 150 11.77 27.54 -9.82
CA TYR A 150 11.97 27.85 -11.23
C TYR A 150 11.72 29.31 -11.52
N ASP A 151 12.63 29.91 -12.30
CA ASP A 151 12.55 31.27 -12.80
C ASP A 151 12.17 31.20 -14.29
N THR A 152 11.06 31.84 -14.66
CA THR A 152 10.48 31.70 -16.01
C THR A 152 11.38 32.32 -17.07
N ALA A 153 11.99 33.44 -16.75
CA ALA A 153 12.76 34.24 -17.70
C ALA A 153 14.11 33.59 -18.04
N THR A 154 14.94 33.34 -17.02
CA THR A 154 16.22 32.67 -17.22
C THR A 154 16.07 31.21 -17.68
N GLY A 155 15.08 30.52 -17.13
CA GLY A 155 14.93 29.08 -17.33
C GLY A 155 15.75 28.25 -16.35
N GLY A 156 16.29 28.93 -15.33
CA GLY A 156 17.01 28.29 -14.24
C GLY A 156 16.32 28.54 -12.91
N ILE A 157 17.00 28.21 -11.81
CA ILE A 157 16.44 28.36 -10.47
C ILE A 157 16.45 29.84 -10.05
N LYS A 158 15.31 30.30 -9.53
CA LYS A 158 15.20 31.61 -8.88
C LYS A 158 15.81 31.56 -7.45
N PHE A 159 17.13 31.42 -7.41
CA PHE A 159 17.83 31.10 -6.17
C PHE A 159 17.74 32.18 -5.11
N ASP A 160 17.80 33.44 -5.54
CA ASP A 160 17.77 34.58 -4.63
C ASP A 160 16.48 34.64 -3.84
N GLU A 161 15.36 34.55 -4.55
CA GLU A 161 14.03 34.50 -3.91
C GLU A 161 13.86 33.29 -3.00
N MET A 162 14.40 32.15 -3.44
CA MET A 162 14.23 30.88 -2.75
C MET A 162 14.85 30.89 -1.36
N ILE A 163 16.11 31.27 -1.27
CA ILE A 163 16.82 31.32 0.02
C ILE A 163 16.13 32.33 0.94
N ALA A 164 15.58 33.37 0.33
CA ALA A 164 14.89 34.44 1.04
C ALA A 164 13.57 33.95 1.63
N PHE A 165 12.86 33.12 0.88
CA PHE A 165 11.66 32.40 1.35
C PHE A 165 11.98 31.55 2.58
N PHE A 166 13.07 30.76 2.49
CA PHE A 166 13.51 29.86 3.56
C PHE A 166 13.85 30.55 4.89
N GLU A 167 14.16 31.83 4.83
CA GLU A 167 14.47 32.64 6.01
C GLU A 167 13.20 32.97 6.79
N THR A 168 12.12 33.15 6.05
CA THR A 168 10.83 33.55 6.61
C THR A 168 10.06 32.36 7.20
N LEU A 169 10.71 31.21 7.35
CA LEU A 169 10.04 29.98 7.75
C LEU A 169 10.44 29.49 9.13
N ASN A 170 9.43 28.98 9.83
CA ASN A 170 9.50 28.66 11.24
C ASN A 170 10.19 27.35 11.53
N LYS A 171 10.65 27.24 12.76
CA LYS A 171 11.28 26.04 13.31
C LYS A 171 10.37 24.84 13.09
N ASP A 172 10.96 23.80 12.50
CA ASP A 172 10.27 22.58 12.12
C ASP A 172 9.45 22.60 10.80
N ASP A 173 9.43 23.71 10.07
CA ASP A 173 8.81 23.67 8.74
C ASP A 173 9.54 22.68 7.81
N VAL A 174 8.74 21.99 6.99
CA VAL A 174 9.17 20.88 6.15
C VAL A 174 9.42 21.34 4.72
N LEU A 175 10.62 21.03 4.22
CA LEU A 175 11.05 21.39 2.88
C LEU A 175 11.18 20.18 1.99
N LEU A 176 10.24 20.12 1.04
CA LEU A 176 10.19 19.05 0.09
C LEU A 176 11.11 19.30 -1.09
N LEU A 177 12.27 18.69 -0.99
CA LEU A 177 13.38 18.91 -1.93
C LEU A 177 13.58 17.72 -2.89
N HIS A 178 14.03 18.01 -4.11
CA HIS A 178 14.44 17.00 -5.09
C HIS A 178 15.99 16.99 -5.19
N PRO A 179 16.68 15.99 -4.55
CA PRO A 179 18.14 15.89 -4.60
C PRO A 179 18.72 15.97 -6.03
N CYS A 180 17.99 15.41 -6.99
CA CYS A 180 18.32 15.44 -8.42
C CYS A 180 17.06 15.28 -9.25
N CYS A 181 17.23 15.45 -10.57
CA CYS A 181 16.20 15.18 -11.57
C CYS A 181 14.85 15.88 -11.33
N HIS A 182 14.85 17.20 -11.18
CA HIS A 182 13.63 17.89 -10.80
C HIS A 182 12.44 17.53 -11.66
N ASN A 183 11.35 17.20 -10.97
CA ASN A 183 10.05 16.93 -11.54
C ASN A 183 9.14 18.11 -11.18
N PRO A 184 8.67 18.86 -12.19
CA PRO A 184 8.80 18.50 -13.60
C PRO A 184 9.83 19.25 -14.46
N THR A 185 10.68 20.08 -13.85
CA THR A 185 11.44 21.08 -14.61
C THR A 185 12.70 20.51 -15.23
N GLY A 186 13.33 19.56 -14.53
CA GLY A 186 14.61 19.00 -14.94
C GLY A 186 15.79 19.83 -14.47
N VAL A 187 15.50 21.07 -14.02
CA VAL A 187 16.51 22.00 -13.54
C VAL A 187 16.85 21.69 -12.09
N ASP A 188 18.08 21.26 -11.85
CA ASP A 188 18.56 20.83 -10.54
C ASP A 188 19.41 21.88 -9.88
N LEU A 189 19.64 21.75 -8.58
CA LEU A 189 20.58 22.63 -7.89
C LEU A 189 22.02 22.19 -8.11
N THR A 190 22.92 23.17 -8.19
CA THR A 190 24.37 22.91 -8.25
C THR A 190 24.83 22.44 -6.87
N ARG A 191 25.99 21.79 -6.81
CA ARG A 191 26.51 21.26 -5.54
C ARG A 191 26.84 22.36 -4.54
N GLU A 192 27.23 23.51 -5.07
CA GLU A 192 27.45 24.70 -4.26
C GLU A 192 26.11 25.19 -3.73
N GLN A 193 25.10 25.19 -4.60
CA GLN A 193 23.77 25.65 -4.25
C GLN A 193 23.16 24.85 -3.10
N TRP A 194 23.22 23.51 -3.19
CA TRP A 194 22.84 22.59 -2.10
C TRP A 194 23.42 22.96 -0.73
N ASP A 195 24.72 23.28 -0.70
CA ASP A 195 25.44 23.70 0.51
C ASP A 195 24.88 24.97 1.13
N THR A 196 24.33 25.84 0.28
CA THR A 196 23.69 27.07 0.70
C THR A 196 22.31 26.80 1.26
N VAL A 197 21.54 25.95 0.57
CA VAL A 197 20.20 25.55 1.00
C VAL A 197 20.31 24.83 2.34
N LEU A 198 21.27 23.92 2.45
CA LEU A 198 21.43 23.14 3.65
C LEU A 198 21.90 23.93 4.86
N ASN A 199 22.81 24.88 4.65
CA ASN A 199 23.32 25.69 5.76
C ASN A 199 22.26 26.63 6.34
N VAL A 200 21.38 27.12 5.47
CA VAL A 200 20.16 27.81 5.88
C VAL A 200 19.28 26.84 6.67
N ILE A 201 19.12 25.60 6.16
CA ILE A 201 18.29 24.56 6.82
C ILE A 201 18.79 24.25 8.24
N GLN A 202 20.10 24.15 8.42
CA GLN A 202 20.68 23.97 9.75
C GLN A 202 20.43 25.18 10.67
N GLU A 203 20.55 26.38 10.09
CA GLU A 203 20.48 27.65 10.82
C GLU A 203 19.03 27.97 11.18
N ARG A 204 18.18 28.06 10.16
CA ARG A 204 16.77 28.36 10.31
C ARG A 204 16.02 27.25 11.05
N GLU A 205 16.73 26.16 11.33
CA GLU A 205 16.27 25.05 12.17
C GLU A 205 15.12 24.30 11.51
N LEU A 206 15.15 24.23 10.17
CA LEU A 206 14.08 23.64 9.37
C LEU A 206 14.30 22.12 9.15
N ILE A 207 13.26 21.44 8.62
CA ILE A 207 13.31 19.99 8.34
C ILE A 207 13.35 19.62 6.85
N PRO A 208 14.47 19.01 6.40
CA PRO A 208 14.56 18.69 5.00
C PRO A 208 13.98 17.31 4.72
N PHE A 209 13.03 17.30 3.79
CA PHE A 209 12.44 16.07 3.31
C PHE A 209 12.85 15.84 1.87
N MET A 210 13.65 14.80 1.62
CA MET A 210 14.17 14.57 0.28
C MET A 210 13.51 13.44 -0.47
N ASP A 211 13.01 13.78 -1.65
CA ASP A 211 12.27 12.84 -2.47
C ASP A 211 13.10 12.50 -3.71
N ILE A 212 13.69 11.32 -3.68
CA ILE A 212 14.56 10.90 -4.75
C ILE A 212 13.94 9.70 -5.43
N ALA A 213 13.28 9.97 -6.53
CA ALA A 213 12.63 8.93 -7.31
C ALA A 213 13.41 8.47 -8.51
N TYR A 214 14.49 9.17 -8.83
CA TYR A 214 15.19 8.97 -10.08
C TYR A 214 16.72 8.85 -9.90
N GLN A 215 17.17 8.28 -8.77
CA GLN A 215 18.59 8.05 -8.47
C GLN A 215 19.17 7.18 -9.57
N GLY A 216 20.32 7.62 -10.12
CA GLY A 216 20.95 6.99 -11.27
C GLY A 216 20.52 7.56 -12.61
N PHE A 217 19.69 8.60 -12.59
CA PHE A 217 19.24 9.20 -13.86
C PHE A 217 19.68 10.65 -13.98
N GLY A 218 20.29 11.20 -12.93
CA GLY A 218 20.83 12.55 -13.00
C GLY A 218 22.22 12.51 -13.58
N GLU A 219 23.17 12.17 -12.73
CA GLU A 219 24.55 11.97 -13.14
C GLU A 219 24.99 10.50 -12.99
N ASP A 220 24.78 9.93 -11.79
CA ASP A 220 25.00 8.51 -11.46
C ASP A 220 24.51 8.31 -10.02
N MET A 221 24.36 7.06 -9.57
CA MET A 221 23.82 6.77 -8.21
C MET A 221 24.44 7.68 -7.15
N ASP A 222 25.77 7.68 -7.09
CA ASP A 222 26.51 8.32 -6.02
C ASP A 222 26.43 9.85 -6.08
N SER A 223 26.59 10.38 -7.29
CA SER A 223 26.52 11.81 -7.52
C SER A 223 25.11 12.35 -7.24
N ASP A 224 24.10 11.63 -7.73
CA ASP A 224 22.68 11.98 -7.53
C ASP A 224 22.24 12.15 -6.06
N ALA A 225 22.89 11.40 -5.16
CA ALA A 225 22.60 11.38 -3.72
C ALA A 225 23.38 12.43 -2.92
N TYR A 226 24.00 13.36 -3.65
CA TYR A 226 24.89 14.34 -3.04
C TYR A 226 24.17 15.15 -1.94
N ALA A 227 23.02 15.73 -2.27
CA ALA A 227 22.23 16.44 -1.27
C ALA A 227 22.00 15.59 -0.02
N ILE A 228 21.79 14.27 -0.23
CA ILE A 228 21.50 13.32 0.85
C ILE A 228 22.74 13.15 1.73
N ARG A 229 23.84 12.71 1.12
CA ARG A 229 25.10 12.49 1.84
C ARG A 229 25.72 13.71 2.54
N LYS A 230 25.42 14.91 2.02
CA LYS A 230 25.92 16.14 2.59
C LYS A 230 25.17 16.48 3.88
N ALA A 231 23.83 16.56 3.78
CA ALA A 231 22.93 16.83 4.92
C ALA A 231 23.28 15.93 6.10
N VAL A 232 23.48 14.64 5.82
CA VAL A 232 24.00 13.65 6.75
C VAL A 232 25.30 14.10 7.45
N ASP A 233 26.31 14.46 6.65
CA ASP A 233 27.62 14.86 7.19
C ASP A 233 27.53 16.16 7.98
N MET A 234 26.64 17.06 7.57
CA MET A 234 26.30 18.25 8.35
C MET A 234 25.61 17.96 9.67
N GLY A 235 25.34 16.69 9.94
CA GLY A 235 24.71 16.22 11.17
C GLY A 235 23.21 16.47 11.27
N LEU A 236 22.63 16.93 10.17
CA LEU A 236 21.22 17.28 10.08
C LEU A 236 20.28 16.08 10.17
N PRO A 237 19.08 16.28 10.76
CA PRO A 237 18.04 15.26 10.69
C PRO A 237 17.32 15.40 9.34
N LEU A 238 16.97 14.28 8.70
CA LEU A 238 16.47 14.31 7.32
C LEU A 238 15.55 13.12 6.96
N PHE A 239 14.54 13.40 6.16
CA PHE A 239 13.69 12.33 5.66
C PHE A 239 14.02 12.10 4.20
N VAL A 240 14.20 10.82 3.85
CA VAL A 240 14.51 10.43 2.49
C VAL A 240 13.51 9.42 2.00
N SER A 241 12.66 9.84 1.06
CA SER A 241 11.78 8.91 0.37
C SER A 241 12.38 8.52 -0.96
N ASN A 242 12.75 7.24 -1.10
CA ASN A 242 13.27 6.73 -2.38
C ASN A 242 12.36 5.75 -3.15
N SER A 243 12.49 5.79 -4.46
CA SER A 243 11.73 4.94 -5.33
C SER A 243 12.63 4.07 -6.24
N PHE A 244 12.28 2.81 -6.35
CA PHE A 244 12.86 1.93 -7.38
C PHE A 244 11.99 1.81 -8.63
N SER A 245 10.84 2.49 -8.68
CA SER A 245 9.95 2.36 -9.83
C SER A 245 10.58 2.53 -11.21
N LYS A 246 11.42 3.57 -11.34
CA LYS A 246 12.03 3.95 -12.62
C LYS A 246 13.37 3.26 -12.83
N ASN A 247 14.30 3.46 -11.89
CA ASN A 247 15.64 2.89 -11.97
C ASN A 247 15.68 1.38 -11.90
N LEU A 248 14.65 0.79 -11.27
CA LEU A 248 14.51 -0.65 -11.28
C LEU A 248 13.51 -1.11 -12.33
N SER A 249 12.86 -0.16 -13.00
CA SER A 249 11.77 -0.44 -13.94
C SER A 249 10.71 -1.42 -13.36
N LEU A 250 10.24 -1.12 -12.14
CA LEU A 250 9.35 -2.03 -11.46
C LEU A 250 8.15 -1.28 -10.88
N TYR A 251 7.65 -0.31 -11.66
CA TYR A 251 6.53 0.57 -11.26
C TYR A 251 5.41 -0.22 -10.61
N GLY A 252 4.93 -1.24 -11.33
CA GLY A 252 3.83 -2.11 -10.89
C GLY A 252 3.95 -2.75 -9.51
N GLU A 253 5.16 -3.14 -9.11
CA GLU A 253 5.34 -3.89 -7.85
C GLU A 253 5.43 -3.00 -6.63
N ARG A 254 5.51 -1.69 -6.84
CA ARG A 254 5.42 -0.75 -5.72
C ARG A 254 6.60 -0.92 -4.72
N VAL A 255 7.78 -0.57 -5.18
CA VAL A 255 8.95 -0.82 -4.38
C VAL A 255 9.62 0.51 -4.10
N GLY A 256 10.13 0.68 -2.88
CA GLY A 256 10.66 1.99 -2.49
C GLY A 256 11.01 1.95 -1.04
N GLY A 257 11.59 3.03 -0.54
CA GLY A 257 11.84 3.08 0.89
C GLY A 257 11.63 4.43 1.51
N LEU A 258 11.54 4.44 2.82
CA LEU A 258 11.58 5.67 3.58
C LEU A 258 12.65 5.48 4.61
N SER A 259 13.48 6.51 4.72
CA SER A 259 14.62 6.49 5.60
C SER A 259 14.60 7.81 6.34
N VAL A 260 14.88 7.71 7.65
CA VAL A 260 14.85 8.85 8.56
C VAL A 260 16.17 8.90 9.33
N VAL A 261 16.87 10.01 9.17
CA VAL A 261 18.21 10.23 9.75
C VAL A 261 18.11 10.96 11.09
N CYS A 262 18.63 10.33 12.14
CA CYS A 262 18.44 10.80 13.51
C CYS A 262 19.75 11.15 14.22
N PRO A 263 19.74 12.21 15.06
CA PRO A 263 20.85 12.50 15.97
C PRO A 263 21.39 11.31 16.77
N THR A 264 20.51 10.48 17.32
CA THR A 264 20.91 9.43 18.25
C THR A 264 20.48 8.05 17.80
N VAL A 265 21.25 7.05 18.25
CA VAL A 265 20.92 5.62 18.06
C VAL A 265 19.61 5.22 18.77
N ASP A 266 19.37 5.79 19.94
CA ASP A 266 18.14 5.55 20.71
C ASP A 266 16.92 6.21 20.06
N GLU A 267 17.10 7.45 19.61
CA GLU A 267 16.11 8.21 18.85
C GLU A 267 15.67 7.45 17.59
N THR A 268 16.62 6.76 16.97
CA THR A 268 16.39 5.89 15.81
C THR A 268 15.56 4.67 16.21
N GLU A 269 15.84 4.12 17.40
CA GLU A 269 15.08 2.97 17.90
C GLU A 269 13.59 3.34 18.09
N ARG A 270 13.35 4.59 18.50
CA ARG A 270 12.01 5.15 18.68
C ARG A 270 11.30 5.41 17.36
N VAL A 271 12.00 6.09 16.44
CA VAL A 271 11.46 6.49 15.12
C VAL A 271 11.06 5.25 14.32
N PHE A 272 11.95 4.25 14.30
CA PHE A 272 11.72 2.99 13.64
C PHE A 272 10.41 2.39 14.10
N GLY A 273 10.15 2.47 15.40
CA GLY A 273 8.96 1.92 16.05
C GLY A 273 7.71 2.58 15.52
N GLN A 274 7.68 3.91 15.56
CA GLN A 274 6.58 4.70 15.03
C GLN A 274 6.33 4.55 13.53
N LEU A 275 7.37 4.19 12.80
CA LEU A 275 7.25 3.89 11.38
C LEU A 275 6.41 2.61 11.20
N ASN A 276 6.73 1.57 11.97
CA ASN A 276 5.96 0.32 11.99
C ASN A 276 4.51 0.55 12.41
N SER A 277 4.33 1.34 13.46
CA SER A 277 3.03 1.79 13.88
C SER A 277 2.28 2.43 12.71
N THR A 278 2.85 3.46 12.11
CA THR A 278 2.21 4.16 11.00
C THR A 278 1.81 3.18 9.89
N VAL A 279 2.71 2.25 9.56
CA VAL A 279 2.43 1.21 8.54
C VAL A 279 1.26 0.33 8.97
N ARG A 280 1.24 -0.05 10.25
CA ARG A 280 0.19 -0.91 10.79
C ARG A 280 -1.22 -0.38 10.51
N ARG A 281 -1.42 0.91 10.72
CA ARG A 281 -2.72 1.55 10.54
C ARG A 281 -3.03 1.93 9.08
N ILE A 282 -2.15 1.57 8.15
CA ILE A 282 -2.31 1.91 6.73
C ILE A 282 -2.57 0.70 5.83
N TYR A 283 -1.62 -0.23 5.76
CA TYR A 283 -1.70 -1.35 4.82
C TYR A 283 -1.09 -2.59 5.43
N SER A 284 -0.70 -2.45 6.71
CA SER A 284 -0.16 -3.56 7.51
C SER A 284 1.29 -4.01 7.15
N SER A 285 1.55 -4.33 5.88
CA SER A 285 2.88 -4.75 5.49
C SER A 285 3.06 -4.61 3.98
N PRO A 286 4.29 -4.35 3.53
CA PRO A 286 4.60 -4.16 2.11
C PRO A 286 4.51 -5.48 1.30
N PRO A 287 4.36 -5.39 -0.05
CA PRO A 287 4.15 -6.64 -0.83
C PRO A 287 5.41 -7.47 -1.00
N SER A 288 5.24 -8.78 -0.88
CA SER A 288 6.33 -9.75 -0.83
C SER A 288 7.17 -9.81 -2.11
N HIS A 289 6.49 -9.91 -3.26
CA HIS A 289 7.19 -10.08 -4.52
C HIS A 289 8.19 -8.95 -4.79
N GLY A 290 7.68 -7.71 -4.74
CA GLY A 290 8.47 -6.50 -4.94
C GLY A 290 9.65 -6.45 -3.99
N GLY A 291 9.38 -6.71 -2.71
CA GLY A 291 10.37 -6.73 -1.65
C GLY A 291 11.48 -7.68 -1.99
N ARG A 292 11.11 -8.88 -2.46
CA ARG A 292 12.07 -9.94 -2.80
C ARG A 292 12.98 -9.55 -3.96
N VAL A 293 12.42 -8.88 -4.97
CA VAL A 293 13.23 -8.48 -6.13
C VAL A 293 14.31 -7.50 -5.71
N VAL A 294 13.91 -6.50 -4.92
CA VAL A 294 14.85 -5.54 -4.36
C VAL A 294 15.90 -6.28 -3.55
N ASP A 295 15.47 -7.05 -2.54
CA ASP A 295 16.40 -7.81 -1.70
C ASP A 295 17.43 -8.56 -2.55
N ILE A 296 16.97 -9.25 -3.58
CA ILE A 296 17.83 -10.16 -4.36
C ILE A 296 18.88 -9.36 -5.09
N VAL A 297 18.42 -8.36 -5.85
CA VAL A 297 19.27 -7.47 -6.63
C VAL A 297 20.26 -6.62 -5.80
N MET A 298 19.82 -6.05 -4.69
CA MET A 298 20.66 -5.09 -3.95
C MET A 298 21.75 -5.80 -3.21
N ASN A 299 21.49 -7.07 -2.90
CA ASN A 299 22.38 -7.83 -2.05
C ASN A 299 23.23 -8.87 -2.79
N ASP A 300 22.91 -9.09 -4.06
CA ASP A 300 23.75 -9.94 -4.89
C ASP A 300 24.74 -9.00 -5.63
N ALA A 301 25.99 -9.00 -5.15
CA ALA A 301 27.12 -8.23 -5.71
C ALA A 301 27.13 -8.13 -7.23
N ALA A 302 26.97 -9.28 -7.90
CA ALA A 302 27.03 -9.35 -9.36
C ALA A 302 25.78 -8.71 -9.99
N LEU A 303 24.61 -9.04 -9.41
CA LEU A 303 23.34 -8.53 -9.87
C LEU A 303 23.28 -7.04 -9.62
N HIS A 304 23.79 -6.62 -8.46
CA HIS A 304 23.84 -5.23 -8.14
C HIS A 304 24.74 -4.47 -9.13
N GLU A 305 25.92 -5.05 -9.44
CA GLU A 305 26.86 -4.44 -10.39
C GLU A 305 26.17 -4.34 -11.75
N GLN A 306 25.50 -5.42 -12.12
CA GLN A 306 24.77 -5.47 -13.37
C GLN A 306 23.67 -4.42 -13.43
N TRP A 307 22.91 -4.28 -12.32
CA TRP A 307 21.86 -3.26 -12.17
C TRP A 307 22.41 -1.83 -12.39
N VAL A 308 23.42 -1.40 -11.60
CA VAL A 308 24.07 -0.06 -11.76
C VAL A 308 24.43 0.22 -13.24
N GLY A 309 24.81 -0.86 -13.92
CA GLY A 309 25.14 -0.84 -15.34
C GLY A 309 23.97 -0.50 -16.25
N GLU A 310 22.88 -1.25 -16.10
CA GLU A 310 21.72 -1.03 -16.96
C GLU A 310 21.11 0.34 -16.68
N VAL A 311 21.24 0.86 -15.46
CA VAL A 311 20.71 2.20 -15.12
C VAL A 311 21.55 3.25 -15.84
N TYR A 312 22.88 3.09 -15.73
CA TYR A 312 23.84 3.85 -16.53
C TYR A 312 23.39 3.93 -17.99
N ALA A 313 23.14 2.79 -18.63
CA ALA A 313 22.59 2.74 -19.99
C ALA A 313 21.29 3.57 -20.21
N MET A 314 20.29 3.35 -19.38
CA MET A 314 19.05 4.14 -19.46
C MET A 314 19.30 5.64 -19.41
N ARG A 315 20.12 6.05 -18.42
CA ARG A 315 20.57 7.42 -18.21
C ARG A 315 21.22 7.98 -19.46
N ASP A 316 22.09 7.16 -20.04
CA ASP A 316 22.86 7.55 -21.20
C ASP A 316 22.01 7.81 -22.46
N ARG A 317 20.98 6.98 -22.64
CA ARG A 317 20.05 7.09 -23.75
C ARG A 317 19.31 8.40 -23.63
N ILE A 318 18.86 8.70 -22.41
CA ILE A 318 18.21 9.98 -22.10
C ILE A 318 19.14 11.16 -22.40
N LYS A 319 20.34 11.17 -21.79
CA LYS A 319 21.35 12.20 -22.10
C LYS A 319 21.52 12.38 -23.60
N SER A 320 21.55 11.26 -24.31
CA SER A 320 21.71 11.25 -25.75
C SER A 320 20.51 11.85 -26.50
N MET A 321 19.29 11.48 -26.10
CA MET A 321 18.08 12.09 -26.68
C MET A 321 17.97 13.60 -26.45
N ARG A 322 18.43 14.06 -25.29
CA ARG A 322 18.57 15.50 -25.02
C ARG A 322 19.49 16.14 -26.07
N THR A 323 20.61 15.49 -26.41
CA THR A 323 21.52 16.03 -27.42
C THR A 323 20.89 16.16 -28.80
N LYS A 324 20.21 15.11 -29.28
CA LYS A 324 19.68 15.09 -30.64
C LYS A 324 18.61 16.16 -30.82
N LEU A 325 17.79 16.35 -29.78
CA LEU A 325 16.75 17.39 -29.77
C LEU A 325 17.35 18.79 -29.91
N LYS A 326 18.31 19.11 -29.05
CA LYS A 326 19.09 20.35 -29.11
C LYS A 326 19.70 20.56 -30.51
N SER A 327 20.28 19.49 -31.09
CA SER A 327 20.84 19.50 -32.43
C SER A 327 19.83 19.95 -33.48
N VAL A 328 18.64 19.34 -33.50
CA VAL A 328 17.65 19.60 -34.56
C VAL A 328 16.99 20.97 -34.41
N LEU A 329 16.84 21.41 -33.17
CA LEU A 329 16.32 22.74 -32.91
C LEU A 329 17.32 23.85 -33.28
N GLU A 330 18.56 23.75 -32.77
CA GLU A 330 19.59 24.75 -33.06
C GLU A 330 19.88 24.88 -34.55
N ALA A 331 19.83 23.74 -35.25
CA ALA A 331 19.97 23.69 -36.70
C ALA A 331 18.86 24.46 -37.41
N LYS A 332 17.60 24.15 -37.10
CA LYS A 332 16.43 24.68 -37.82
C LYS A 332 15.84 26.00 -37.29
N ILE A 333 16.31 26.41 -36.10
CA ILE A 333 15.94 27.70 -35.50
C ILE A 333 17.21 28.43 -35.05
N SER A 334 17.55 29.46 -35.80
CA SER A 334 18.75 30.24 -35.57
C SER A 334 18.69 31.12 -34.31
N GLY A 335 17.49 31.62 -33.98
CA GLY A 335 17.28 32.62 -32.92
C GLY A 335 17.58 32.25 -31.47
N ARG A 336 16.85 31.26 -30.94
CA ARG A 336 16.88 30.91 -29.52
C ARG A 336 18.00 29.93 -29.14
N ASN A 337 18.39 29.96 -27.87
CA ASN A 337 19.37 29.01 -27.33
C ASN A 337 18.79 27.92 -26.45
N PHE A 338 19.06 26.67 -26.84
CA PHE A 338 18.40 25.53 -26.25
C PHE A 338 19.31 24.72 -25.32
N ASP A 339 20.33 25.38 -24.77
CA ASP A 339 21.24 24.68 -23.87
C ASP A 339 20.59 24.14 -22.59
N TYR A 340 19.47 24.74 -22.16
CA TYR A 340 18.69 24.23 -21.01
C TYR A 340 18.25 22.77 -21.17
N LEU A 341 17.86 22.36 -22.38
CA LEU A 341 17.54 20.97 -22.69
C LEU A 341 18.64 19.94 -22.31
N THR A 342 19.90 20.23 -22.66
CA THR A 342 21.04 19.39 -22.25
C THR A 342 21.57 19.71 -20.84
N ALA A 343 21.19 20.86 -20.28
CA ALA A 343 21.54 21.24 -18.90
C ALA A 343 20.68 20.49 -17.87
N GLN A 344 19.38 20.38 -18.16
CA GLN A 344 18.40 19.67 -17.34
C GLN A 344 18.76 18.19 -17.13
N ASN A 345 18.39 17.66 -15.95
CA ASN A 345 18.71 16.29 -15.52
C ASN A 345 17.53 15.30 -15.50
N GLY A 346 17.86 14.02 -15.52
CA GLY A 346 16.88 12.94 -15.34
C GLY A 346 15.89 12.80 -16.48
N MET A 347 14.64 12.54 -16.13
CA MET A 347 13.64 12.20 -17.15
C MET A 347 12.86 13.36 -17.72
N PHE A 348 12.93 14.50 -17.03
CA PHE A 348 12.09 15.63 -17.40
C PHE A 348 12.80 16.83 -17.99
N SER A 349 12.11 17.41 -18.95
CA SER A 349 12.48 18.64 -19.56
C SER A 349 11.29 19.55 -19.53
N PHE A 350 11.47 20.75 -18.95
CA PHE A 350 10.52 21.86 -19.11
C PHE A 350 10.93 22.51 -20.41
N THR A 351 10.23 22.16 -21.48
CA THR A 351 10.66 22.54 -22.84
C THR A 351 10.48 24.03 -23.10
N GLY A 352 9.91 24.76 -22.13
CA GLY A 352 9.72 26.21 -22.21
C GLY A 352 8.76 26.66 -23.29
N LEU A 353 7.83 25.78 -23.67
CA LEU A 353 6.73 26.13 -24.56
C LEU A 353 5.63 26.78 -23.71
N THR A 354 4.95 27.77 -24.28
CA THR A 354 3.72 28.36 -23.66
C THR A 354 2.59 27.32 -23.60
N PRO A 355 1.69 27.38 -22.57
CA PRO A 355 0.53 26.46 -22.57
C PRO A 355 -0.27 26.40 -23.89
N GLU A 356 -0.24 27.48 -24.67
CA GLU A 356 -0.88 27.48 -25.98
C GLU A 356 -0.08 26.65 -26.98
N GLN A 357 1.24 26.74 -26.88
CA GLN A 357 2.14 25.94 -27.72
C GLN A 357 2.02 24.42 -27.52
N VAL A 358 1.97 23.99 -26.25
CA VAL A 358 1.76 22.58 -25.87
C VAL A 358 0.43 22.04 -26.44
N GLU A 359 -0.58 22.92 -26.44
CA GLU A 359 -1.89 22.67 -27.03
C GLU A 359 -1.77 22.41 -28.52
N ARG A 360 -0.95 23.22 -29.19
CA ARG A 360 -0.73 23.06 -30.63
C ARG A 360 -0.06 21.74 -31.00
N LEU A 361 0.94 21.32 -30.23
CA LEU A 361 1.57 20.02 -30.47
C LEU A 361 0.61 18.86 -30.32
N GLN A 362 -0.45 19.09 -29.55
CA GLN A 362 -1.45 18.05 -29.27
C GLN A 362 -2.45 17.91 -30.39
N SER A 363 -2.98 19.04 -30.86
CA SER A 363 -4.04 19.03 -31.85
C SER A 363 -3.53 18.54 -33.20
N GLU A 364 -2.53 19.23 -33.74
CA GLU A 364 -2.04 18.92 -35.07
C GLU A 364 -1.15 17.69 -35.13
N PHE A 365 -0.46 17.39 -34.03
CA PHE A 365 0.62 16.40 -34.09
C PHE A 365 0.36 15.09 -33.39
N GLY A 366 -0.37 15.16 -32.28
CA GLY A 366 -0.59 13.99 -31.44
C GLY A 366 0.57 13.84 -30.50
N ILE A 367 1.20 14.98 -30.22
CA ILE A 367 2.34 15.04 -29.32
C ILE A 367 1.86 15.59 -27.99
N TYR A 368 1.90 14.72 -26.99
CA TYR A 368 1.39 15.02 -25.65
C TYR A 368 2.51 15.40 -24.67
N MET A 369 2.37 16.59 -24.08
CA MET A 369 3.19 17.09 -22.96
C MET A 369 2.24 17.79 -22.02
N ILE A 370 2.67 17.98 -20.77
CA ILE A 370 1.87 18.69 -19.78
C ILE A 370 1.78 20.21 -20.10
N SER A 371 0.71 20.86 -19.62
CA SER A 371 0.45 22.28 -19.87
C SER A 371 1.60 23.18 -19.41
N ASN A 372 2.25 22.79 -18.31
CA ASN A 372 3.42 23.51 -17.79
C ASN A 372 4.68 23.28 -18.64
N SER A 373 4.55 22.44 -19.67
CA SER A 373 5.58 22.15 -20.72
C SER A 373 6.47 20.93 -20.44
N ARG A 374 6.31 20.30 -19.28
CA ARG A 374 7.11 19.14 -18.93
C ARG A 374 7.02 18.10 -20.03
N MET A 375 8.17 17.54 -20.36
CA MET A 375 8.28 16.46 -21.33
C MET A 375 9.15 15.34 -20.75
N CYS A 376 8.75 14.10 -20.99
CA CYS A 376 9.55 13.00 -20.54
C CYS A 376 10.49 12.62 -21.69
N VAL A 377 11.75 13.04 -21.58
CA VAL A 377 12.78 12.80 -22.61
C VAL A 377 12.90 11.33 -22.99
N ALA A 378 12.64 10.44 -22.01
CA ALA A 378 12.62 8.98 -22.18
C ALA A 378 11.56 8.47 -23.16
N GLY A 379 10.57 9.30 -23.48
CA GLY A 379 9.58 8.98 -24.50
C GLY A 379 10.13 9.08 -25.93
N LEU A 380 11.31 9.67 -26.06
CA LEU A 380 11.97 9.89 -27.36
C LEU A 380 12.97 8.78 -27.71
N ASN A 381 12.88 8.33 -28.95
CA ASN A 381 13.77 7.34 -29.53
C ASN A 381 14.13 7.74 -30.97
N SER A 382 15.11 7.05 -31.55
CA SER A 382 15.52 7.33 -32.91
C SER A 382 14.30 7.41 -33.86
N SER A 383 13.38 6.46 -33.70
CA SER A 383 12.26 6.26 -34.63
C SER A 383 11.21 7.39 -34.65
N ASN A 384 11.13 8.16 -33.56
CA ASN A 384 10.16 9.24 -33.49
C ASN A 384 10.75 10.60 -33.17
N ILE A 385 12.03 10.63 -32.79
CA ILE A 385 12.71 11.87 -32.34
C ILE A 385 12.72 12.98 -33.40
N ASP A 386 12.86 12.55 -34.66
CA ASP A 386 12.79 13.39 -35.84
C ASP A 386 11.47 14.18 -35.85
N TYR A 387 10.35 13.47 -35.87
CA TYR A 387 9.01 14.07 -35.96
C TYR A 387 8.71 15.11 -34.88
N VAL A 388 9.05 14.78 -33.64
CA VAL A 388 8.81 15.65 -32.49
C VAL A 388 9.59 16.93 -32.62
N ALA A 389 10.86 16.84 -33.01
CA ALA A 389 11.75 18.00 -33.10
C ALA A 389 11.31 19.01 -34.15
N ASN A 390 10.85 18.51 -35.29
CA ASN A 390 10.32 19.34 -36.36
C ASN A 390 9.02 20.02 -35.95
N ALA A 391 8.13 19.25 -35.33
CA ALA A 391 6.86 19.76 -34.80
C ALA A 391 7.05 20.89 -33.79
N MET A 392 8.05 20.74 -32.92
CA MET A 392 8.46 21.79 -31.97
C MET A 392 9.01 23.04 -32.67
N VAL A 393 9.75 22.83 -33.76
CA VAL A 393 10.24 23.92 -34.61
C VAL A 393 9.05 24.67 -35.22
N ASP A 394 8.12 23.91 -35.80
CA ASP A 394 6.93 24.45 -36.44
C ASP A 394 6.05 25.23 -35.46
N VAL A 395 5.95 24.73 -34.23
CA VAL A 395 5.19 25.40 -33.16
C VAL A 395 5.94 26.63 -32.64
N LEU A 396 7.27 26.59 -32.68
CA LEU A 396 8.11 27.71 -32.23
C LEU A 396 8.16 28.86 -33.24
N LYS A 397 8.22 28.51 -34.53
CA LYS A 397 8.04 29.48 -35.61
C LYS A 397 6.59 29.97 -35.69
N ASP A 398 5.65 29.04 -35.49
CA ASP A 398 4.17 29.23 -35.55
C ASP A 398 3.68 30.17 -36.67
N MET B 1 16.45 15.53 17.70
CA MET B 1 15.35 16.31 17.07
C MET B 1 13.99 15.66 17.26
N PHE B 2 13.99 14.33 17.35
CA PHE B 2 12.78 13.48 17.43
C PHE B 2 12.51 12.99 18.83
N GLU B 3 12.76 13.85 19.81
CA GLU B 3 12.66 13.45 21.22
C GLU B 3 11.22 13.43 21.70
N ARG B 4 10.36 14.10 20.93
CA ARG B 4 8.91 14.09 21.11
C ARG B 4 8.27 12.74 20.78
N ILE B 5 9.00 11.92 20.01
CA ILE B 5 8.56 10.59 19.54
C ILE B 5 8.67 9.56 20.66
N ASP B 6 7.53 8.91 20.97
CA ASP B 6 7.47 7.82 21.93
C ASP B 6 7.69 6.52 21.21
N TYR B 7 8.30 5.56 21.88
CA TYR B 7 8.51 4.21 21.36
C TYR B 7 7.17 3.60 20.93
N TYR B 8 7.21 2.78 19.89
CA TYR B 8 6.08 1.91 19.64
C TYR B 8 6.30 0.65 20.44
N ALA B 9 5.21 0.03 20.90
CA ALA B 9 5.26 -1.23 21.64
C ALA B 9 5.40 -2.47 20.74
N GLY B 10 5.00 -2.34 19.47
CA GLY B 10 4.88 -3.47 18.54
C GLY B 10 3.44 -3.95 18.51
N ASP B 11 3.06 -4.59 17.40
CA ASP B 11 1.75 -5.26 17.25
C ASP B 11 1.69 -6.38 18.28
N PRO B 12 0.65 -6.35 19.15
CA PRO B 12 0.57 -7.32 20.26
C PRO B 12 0.69 -8.78 19.80
N ILE B 13 0.00 -9.13 18.71
CA ILE B 13 0.13 -10.45 18.07
C ILE B 13 1.60 -10.70 17.67
N LEU B 14 2.24 -9.72 17.04
CA LEU B 14 3.66 -9.84 16.68
C LEU B 14 4.58 -9.93 17.91
N GLY B 15 4.16 -9.32 19.02
CA GLY B 15 4.88 -9.42 20.29
C GLY B 15 4.78 -10.83 20.86
N LEU B 16 3.61 -11.44 20.68
CA LEU B 16 3.34 -12.81 21.09
C LEU B 16 4.07 -13.82 20.20
N VAL B 17 4.12 -13.53 18.89
CA VAL B 17 4.79 -14.38 17.91
C VAL B 17 6.30 -14.28 18.13
N GLU B 18 6.77 -13.06 18.36
CA GLU B 18 8.16 -12.82 18.69
C GLU B 18 8.53 -13.67 19.92
N LYS B 19 7.69 -13.63 20.94
CA LYS B 19 7.89 -14.38 22.19
C LYS B 19 7.99 -15.89 21.95
N PHE B 20 7.15 -16.38 21.04
CA PHE B 20 7.12 -17.76 20.58
C PHE B 20 8.42 -18.19 19.90
N ALA B 21 9.01 -17.30 19.10
CA ALA B 21 10.30 -17.55 18.41
C ALA B 21 11.45 -17.85 19.36
N ALA B 22 11.49 -17.09 20.46
CA ALA B 22 12.55 -17.15 21.45
C ALA B 22 12.34 -18.22 22.52
N ASP B 23 11.27 -19.01 22.39
CA ASP B 23 10.98 -20.07 23.36
C ASP B 23 11.95 -21.24 23.19
N ASN B 24 12.53 -21.65 24.32
CA ASN B 24 13.41 -22.83 24.38
C ASN B 24 12.63 -24.11 24.04
N ASN B 25 11.52 -24.31 24.75
CA ASN B 25 10.63 -25.47 24.67
C ASN B 25 10.57 -26.23 23.33
N PRO B 26 10.96 -27.53 23.34
CA PRO B 26 10.92 -28.36 22.13
C PRO B 26 9.52 -28.54 21.51
N ASP B 27 8.49 -28.44 22.34
CA ASP B 27 7.12 -28.76 21.94
C ASP B 27 6.22 -27.55 21.77
N LYS B 28 6.81 -26.35 21.75
CA LYS B 28 6.09 -25.09 21.52
C LYS B 28 5.10 -25.19 20.34
N VAL B 29 3.91 -24.60 20.51
CA VAL B 29 2.86 -24.52 19.47
C VAL B 29 2.39 -23.06 19.40
N ASN B 30 2.20 -22.54 18.18
CA ASN B 30 1.76 -21.17 17.99
C ASN B 30 0.32 -21.14 17.50
N LEU B 31 -0.62 -20.79 18.38
CA LEU B 31 -2.05 -20.66 17.99
C LEU B 31 -2.53 -19.22 18.01
N GLY B 32 -1.56 -18.31 17.92
CA GLY B 32 -1.76 -16.89 18.19
C GLY B 32 -1.95 -15.98 16.99
N ILE B 33 -1.74 -16.50 15.79
CA ILE B 33 -1.89 -15.69 14.58
C ILE B 33 -2.82 -16.37 13.57
N GLY B 34 -3.63 -15.56 12.89
CA GLY B 34 -4.69 -16.07 11.99
C GLY B 34 -4.25 -16.45 10.58
N ILE B 35 -3.20 -17.26 10.53
CA ILE B 35 -2.68 -17.88 9.33
C ILE B 35 -3.19 -19.32 9.26
N TYR B 36 -3.63 -19.77 8.10
CA TYR B 36 -3.92 -21.18 7.91
C TYR B 36 -2.64 -22.00 7.70
N TYR B 37 -2.53 -23.10 8.43
CA TYR B 37 -1.49 -24.12 8.24
C TYR B 37 -2.14 -25.46 7.97
N ASP B 38 -1.55 -26.23 7.05
CA ASP B 38 -2.12 -27.54 6.69
C ASP B 38 -1.82 -28.62 7.73
N GLU B 39 -2.23 -29.86 7.43
CA GLU B 39 -2.11 -31.01 8.34
C GLU B 39 -0.67 -31.29 8.84
N SER B 40 0.29 -30.53 8.30
CA SER B 40 1.69 -30.64 8.66
C SER B 40 2.20 -29.40 9.40
N GLY B 41 1.33 -28.41 9.55
CA GLY B 41 1.70 -27.14 10.17
C GLY B 41 2.59 -26.25 9.33
N VAL B 42 2.47 -26.35 8.02
CA VAL B 42 3.14 -25.44 7.09
C VAL B 42 2.10 -24.60 6.37
N MET B 43 2.45 -23.35 6.10
CA MET B 43 1.65 -22.53 5.21
C MET B 43 1.62 -23.16 3.81
N PRO B 44 0.41 -23.33 3.21
CA PRO B 44 0.39 -23.96 1.88
C PRO B 44 0.48 -22.99 0.74
N VAL B 45 1.08 -23.43 -0.38
CA VAL B 45 0.95 -22.79 -1.69
C VAL B 45 -0.21 -23.46 -2.40
N LEU B 46 -1.26 -22.71 -2.69
CA LEU B 46 -2.38 -23.29 -3.41
C LEU B 46 -1.94 -23.64 -4.81
N ASP B 47 -2.48 -24.75 -5.30
CA ASP B 47 -2.19 -25.26 -6.62
C ASP B 47 -2.63 -24.26 -7.65
N CYS B 48 -3.86 -23.75 -7.52
CA CYS B 48 -4.34 -22.73 -8.45
C CYS B 48 -3.38 -21.54 -8.54
N VAL B 49 -2.80 -21.14 -7.39
CA VAL B 49 -1.83 -20.04 -7.32
C VAL B 49 -0.53 -20.42 -8.05
N LYS B 50 -0.01 -21.61 -7.74
CA LYS B 50 1.21 -22.12 -8.35
C LYS B 50 1.08 -21.94 -9.85
N ILE B 51 -0.07 -22.36 -10.38
CA ILE B 51 -0.41 -22.25 -11.82
C ILE B 51 -0.42 -20.78 -12.29
N ALA B 52 -1.02 -19.88 -11.50
CA ALA B 52 -1.10 -18.46 -11.85
C ALA B 52 0.33 -17.86 -11.96
N GLU B 53 1.15 -18.21 -10.98
CA GLU B 53 2.44 -17.61 -10.80
C GLU B 53 3.36 -18.02 -11.96
N GLN B 54 3.30 -19.30 -12.31
CA GLN B 54 4.00 -19.82 -13.47
C GLN B 54 3.51 -19.25 -14.79
N ARG B 55 2.27 -18.81 -14.86
CA ARG B 55 1.76 -18.09 -16.02
C ARG B 55 2.40 -16.71 -16.10
N ILE B 56 2.60 -16.10 -14.92
CA ILE B 56 3.22 -14.77 -14.76
C ILE B 56 4.72 -14.83 -15.09
N ALA B 57 5.37 -15.91 -14.69
CA ALA B 57 6.77 -16.18 -14.97
C ALA B 57 7.03 -16.60 -16.42
N ASP B 58 5.98 -16.84 -17.18
CA ASP B 58 6.14 -17.23 -18.57
C ASP B 58 5.30 -16.48 -19.61
N PRO B 59 5.92 -15.51 -20.29
CA PRO B 59 7.26 -15.03 -19.94
C PRO B 59 7.19 -13.97 -18.82
N ILE B 60 8.33 -13.65 -18.23
CA ILE B 60 8.43 -12.46 -17.38
C ILE B 60 8.13 -11.23 -18.25
N SER B 61 7.24 -10.37 -17.76
CA SER B 61 6.72 -9.25 -18.54
C SER B 61 7.13 -7.86 -18.03
N PRO B 62 7.02 -6.82 -18.88
CA PRO B 62 7.18 -5.44 -18.41
C PRO B 62 6.24 -5.15 -17.23
N ARG B 63 6.63 -4.23 -16.38
CA ARG B 63 5.83 -3.98 -15.21
C ARG B 63 5.35 -2.56 -15.06
N PRO B 64 4.42 -2.20 -15.94
CA PRO B 64 3.80 -0.89 -15.80
C PRO B 64 2.90 -0.84 -14.56
N TYR B 65 2.61 0.39 -14.15
CA TYR B 65 1.65 0.70 -13.11
C TYR B 65 0.29 0.07 -13.41
N LEU B 66 -0.29 -0.58 -12.39
CA LEU B 66 -1.67 -1.02 -12.46
C LEU B 66 -2.52 0.24 -12.34
N PRO B 67 -3.76 0.24 -12.91
CA PRO B 67 -4.61 1.39 -12.64
C PRO B 67 -4.72 1.55 -11.13
N MET B 68 -4.90 2.77 -10.64
CA MET B 68 -5.11 3.01 -9.19
C MET B 68 -6.11 2.05 -8.52
N ALA B 69 -7.14 1.68 -9.28
CA ALA B 69 -8.19 0.78 -8.80
C ALA B 69 -7.77 -0.67 -8.97
N GLY B 70 -6.51 -0.90 -9.36
CA GLY B 70 -6.01 -2.24 -9.67
C GLY B 70 -6.54 -2.73 -10.98
N LEU B 71 -6.14 -3.93 -11.35
CA LEU B 71 -6.57 -4.55 -12.62
C LEU B 71 -8.07 -4.76 -12.63
N PRO B 72 -8.74 -4.54 -13.80
CA PRO B 72 -10.21 -4.76 -13.91
C PRO B 72 -10.61 -6.22 -13.61
N GLY B 73 -9.72 -7.15 -13.92
CA GLY B 73 -9.96 -8.56 -13.63
C GLY B 73 -10.03 -8.82 -12.14
N HIS B 74 -9.19 -8.11 -11.38
CA HIS B 74 -9.13 -8.24 -9.91
C HIS B 74 -10.41 -7.70 -9.30
N ARG B 75 -10.86 -6.56 -9.81
CA ARG B 75 -12.13 -5.98 -9.39
C ARG B 75 -13.35 -6.89 -9.72
N LYS B 76 -13.46 -7.29 -10.99
CA LYS B 76 -14.45 -8.30 -11.43
C LYS B 76 -14.34 -9.56 -10.57
N GLY B 77 -13.10 -10.01 -10.33
CA GLY B 77 -12.78 -11.07 -9.38
C GLY B 77 -13.52 -10.94 -8.06
N CYS B 78 -13.32 -9.81 -7.37
CA CYS B 78 -13.95 -9.52 -6.07
C CYS B 78 -15.47 -9.46 -6.12
N GLN B 79 -15.96 -8.65 -7.05
CA GLN B 79 -17.37 -8.35 -7.13
C GLN B 79 -18.15 -9.62 -7.27
N GLU B 80 -17.70 -10.50 -8.16
CA GLU B 80 -18.39 -11.76 -8.43
C GLU B 80 -18.39 -12.69 -7.22
N LEU B 81 -17.25 -12.72 -6.51
CA LEU B 81 -17.15 -13.54 -5.30
C LEU B 81 -18.09 -13.07 -4.18
N LEU B 82 -18.13 -11.75 -3.96
CA LEU B 82 -18.90 -11.18 -2.86
C LEU B 82 -20.37 -11.17 -3.17
N PHE B 83 -20.71 -10.72 -4.37
CA PHE B 83 -22.12 -10.50 -4.67
C PHE B 83 -22.76 -11.63 -5.45
N GLY B 84 -21.92 -12.54 -5.96
CA GLY B 84 -22.40 -13.67 -6.74
C GLY B 84 -22.37 -13.32 -8.20
N LYS B 85 -21.93 -14.28 -9.01
CA LYS B 85 -21.73 -14.07 -10.45
C LYS B 85 -23.06 -13.66 -11.08
N ASP B 86 -22.99 -12.58 -11.89
CA ASP B 86 -24.16 -12.05 -12.58
C ASP B 86 -25.23 -11.54 -11.59
N ALA B 87 -24.77 -11.04 -10.43
CA ALA B 87 -25.63 -10.37 -9.47
C ALA B 87 -26.36 -9.18 -10.11
N PRO B 88 -27.70 -9.08 -9.91
CA PRO B 88 -28.47 -7.90 -10.35
C PRO B 88 -27.70 -6.59 -10.13
N VAL B 89 -27.15 -6.44 -8.93
CA VAL B 89 -26.41 -5.25 -8.49
C VAL B 89 -25.19 -4.94 -9.37
N LEU B 90 -24.50 -5.99 -9.81
CA LEU B 90 -23.38 -5.87 -10.74
C LEU B 90 -23.87 -5.54 -12.15
N LYS B 91 -25.03 -6.07 -12.53
CA LYS B 91 -25.62 -5.83 -13.86
C LYS B 91 -26.09 -4.39 -13.99
N ASP B 92 -26.60 -3.86 -12.88
CA ASP B 92 -27.03 -2.48 -12.80
C ASP B 92 -25.86 -1.48 -12.81
N GLY B 93 -24.63 -2.00 -12.62
CA GLY B 93 -23.39 -1.22 -12.58
C GLY B 93 -23.31 -0.30 -11.37
N LEU B 94 -23.77 -0.80 -10.21
CA LEU B 94 -23.94 -0.01 -8.97
C LEU B 94 -23.02 -0.41 -7.85
N VAL B 95 -21.83 -0.91 -8.20
CA VAL B 95 -20.79 -1.17 -7.22
C VAL B 95 -19.48 -0.55 -7.72
N ALA B 96 -18.89 0.31 -6.88
CA ALA B 96 -17.57 0.87 -7.14
C ALA B 96 -16.53 -0.02 -6.47
N THR B 97 -15.66 -0.62 -7.28
CA THR B 97 -14.65 -1.55 -6.75
C THR B 97 -13.20 -1.18 -7.11
N ILE B 98 -12.34 -1.17 -6.09
CA ILE B 98 -10.87 -1.01 -6.28
C ILE B 98 -10.13 -2.24 -5.69
N ALA B 99 -8.95 -2.55 -6.23
CA ALA B 99 -8.07 -3.55 -5.64
C ALA B 99 -7.42 -2.84 -4.47
N THR B 100 -7.08 -3.57 -3.41
CA THR B 100 -6.46 -2.88 -2.27
C THR B 100 -5.26 -3.65 -1.71
N ILE B 101 -4.42 -2.95 -0.94
CA ILE B 101 -3.23 -3.56 -0.33
C ILE B 101 -3.68 -4.48 0.83
N GLY B 102 -4.20 -5.66 0.48
CA GLY B 102 -4.83 -6.64 1.42
C GLY B 102 -6.15 -6.10 1.97
N GLY B 103 -6.75 -6.83 2.90
CA GLY B 103 -7.92 -6.31 3.64
C GLY B 103 -7.69 -4.98 4.37
N SER B 104 -6.57 -4.89 5.11
CA SER B 104 -6.07 -3.65 5.73
C SER B 104 -6.12 -2.43 4.79
N GLY B 105 -5.60 -2.59 3.56
CA GLY B 105 -5.69 -1.52 2.54
C GLY B 105 -7.14 -1.12 2.21
N ALA B 106 -8.01 -2.10 2.09
CA ALA B 106 -9.44 -1.84 1.88
C ALA B 106 -10.14 -1.07 3.05
N LEU B 107 -9.87 -1.54 4.27
CA LEU B 107 -10.31 -0.87 5.46
C LEU B 107 -9.82 0.59 5.51
N LYS B 108 -8.55 0.83 5.19
CA LYS B 108 -7.94 2.19 5.20
C LYS B 108 -8.57 3.16 4.22
N VAL B 109 -8.53 2.81 2.94
CA VAL B 109 -9.22 3.56 1.92
C VAL B 109 -10.68 3.80 2.34
N GLY B 110 -11.37 2.74 2.81
CA GLY B 110 -12.78 2.81 3.26
C GLY B 110 -12.96 3.85 4.35
N ALA B 111 -12.27 3.65 5.47
CA ALA B 111 -12.24 4.61 6.55
C ALA B 111 -11.89 6.04 6.12
N GLU B 112 -10.85 6.19 5.29
CA GLU B 112 -10.44 7.51 4.83
C GLU B 112 -11.52 8.21 4.02
N PHE B 113 -12.21 7.45 3.18
CA PHE B 113 -13.32 7.96 2.38
C PHE B 113 -14.42 8.45 3.37
N ILE B 114 -14.64 7.70 4.44
CA ILE B 114 -15.71 8.04 5.35
C ILE B 114 -15.30 9.30 6.12
N HIS B 115 -14.09 9.32 6.68
CA HIS B 115 -13.56 10.51 7.36
C HIS B 115 -13.70 11.78 6.50
N GLU B 116 -13.38 11.67 5.21
CA GLU B 116 -13.49 12.79 4.27
C GLU B 116 -14.94 13.22 4.11
N TRP B 117 -15.81 12.30 3.71
CA TRP B 117 -17.14 12.67 3.26
C TRP B 117 -18.21 12.63 4.33
N PHE B 118 -17.95 11.91 5.43
CA PHE B 118 -18.84 11.86 6.60
C PHE B 118 -18.03 12.15 7.87
N PRO B 119 -17.64 13.44 8.07
CA PRO B 119 -16.72 13.77 9.17
C PRO B 119 -17.36 13.62 10.54
N GLN B 120 -18.69 13.71 10.59
CA GLN B 120 -19.42 13.56 11.85
C GLN B 120 -19.70 12.12 12.21
N SER B 121 -19.52 11.22 11.23
CA SER B 121 -19.71 9.80 11.46
C SER B 121 -18.75 9.26 12.50
N LYS B 122 -19.32 8.50 13.42
CA LYS B 122 -18.55 7.73 14.37
C LYS B 122 -18.61 6.26 13.90
N CYS B 123 -17.67 5.47 14.37
CA CYS B 123 -17.56 4.09 13.95
C CYS B 123 -17.70 3.19 15.15
N TYR B 124 -18.42 2.09 14.96
CA TYR B 124 -18.56 1.15 16.03
C TYR B 124 -18.14 -0.24 15.58
N VAL B 125 -17.27 -0.83 16.39
CA VAL B 125 -16.70 -2.16 16.12
C VAL B 125 -17.29 -3.15 17.16
N SER B 126 -17.22 -4.45 16.88
CA SER B 126 -17.77 -5.47 17.81
C SER B 126 -16.92 -5.63 19.06
N ASP B 127 -17.59 -5.92 20.18
CA ASP B 127 -16.93 -6.19 21.45
C ASP B 127 -16.89 -7.70 21.69
N PRO B 128 -15.71 -8.33 21.59
CA PRO B 128 -14.49 -7.65 21.14
C PRO B 128 -14.29 -7.82 19.64
N THR B 129 -13.27 -7.17 19.10
CA THR B 129 -12.93 -7.34 17.70
C THR B 129 -11.43 -7.55 17.52
N TRP B 130 -11.02 -7.80 16.27
CA TRP B 130 -9.61 -7.80 15.88
C TRP B 130 -8.97 -6.46 16.25
N GLY B 131 -7.85 -6.54 16.98
CA GLY B 131 -7.15 -5.37 17.49
C GLY B 131 -6.97 -4.32 16.42
N ASN B 132 -6.35 -4.71 15.33
CA ASN B 132 -6.00 -3.80 14.22
C ASN B 132 -7.17 -2.97 13.64
N HIS B 133 -8.41 -3.43 13.84
CA HIS B 133 -9.60 -2.74 13.34
C HIS B 133 -9.73 -1.33 13.89
N ILE B 134 -9.41 -1.17 15.16
CA ILE B 134 -9.55 0.11 15.81
C ILE B 134 -8.47 1.06 15.27
N ALA B 135 -7.21 0.58 15.28
CA ALA B 135 -6.04 1.34 14.82
C ALA B 135 -6.29 2.04 13.51
N ILE B 136 -6.79 1.32 12.51
CA ILE B 136 -7.06 1.86 11.18
C ILE B 136 -8.03 3.04 11.21
N PHE B 137 -9.15 2.87 11.91
CA PHE B 137 -10.16 3.90 12.01
C PHE B 137 -9.73 5.10 12.86
N GLU B 138 -9.13 4.82 14.01
CA GLU B 138 -8.51 5.87 14.79
C GLU B 138 -7.39 6.55 14.00
N GLY B 139 -6.70 5.77 13.17
CA GLY B 139 -5.63 6.25 12.31
C GLY B 139 -6.14 7.24 11.30
N CYS B 140 -7.45 7.22 11.05
CA CYS B 140 -8.06 8.20 10.15
C CYS B 140 -8.65 9.40 10.90
N ASP B 141 -8.38 9.50 12.21
CA ASP B 141 -9.07 10.46 13.09
C ASP B 141 -10.59 10.27 13.15
N ILE B 142 -11.04 9.01 13.10
CA ILE B 142 -12.45 8.67 13.24
C ILE B 142 -12.61 8.15 14.66
N GLU B 143 -13.57 8.70 15.41
CA GLU B 143 -13.76 8.22 16.77
C GLU B 143 -14.40 6.86 16.67
N VAL B 144 -13.92 5.94 17.51
CA VAL B 144 -14.26 4.52 17.43
C VAL B 144 -14.84 4.07 18.78
N GLY B 145 -16.04 3.48 18.71
CA GLY B 145 -16.64 2.85 19.86
C GLY B 145 -16.86 1.36 19.69
N LYS B 146 -17.47 0.78 20.72
CA LYS B 146 -17.73 -0.66 20.81
C LYS B 146 -19.22 -0.89 20.98
N TYR B 147 -19.81 -1.65 20.05
CA TYR B 147 -21.18 -2.14 20.20
C TYR B 147 -21.17 -3.53 20.84
N PRO B 148 -22.14 -3.80 21.75
CA PRO B 148 -22.16 -5.10 22.42
C PRO B 148 -22.37 -6.24 21.41
N TYR B 149 -21.62 -7.32 21.59
CA TYR B 149 -21.65 -8.45 20.67
C TYR B 149 -21.57 -9.76 21.46
N TYR B 150 -20.36 -10.12 21.88
CA TYR B 150 -20.14 -11.37 22.59
C TYR B 150 -20.57 -11.31 24.04
N ASP B 151 -21.37 -12.32 24.44
CA ASP B 151 -21.79 -12.53 25.84
C ASP B 151 -20.95 -13.60 26.49
N THR B 152 -20.30 -13.24 27.60
CA THR B 152 -19.33 -14.10 28.27
C THR B 152 -19.95 -15.24 29.07
N ALA B 153 -20.99 -14.94 29.85
CA ALA B 153 -21.71 -15.95 30.65
C ALA B 153 -22.27 -17.06 29.78
N THR B 154 -22.86 -16.70 28.64
CA THR B 154 -23.48 -17.69 27.74
C THR B 154 -22.48 -18.24 26.70
N GLY B 155 -21.55 -17.39 26.28
CA GLY B 155 -20.62 -17.73 25.19
C GLY B 155 -21.23 -17.46 23.81
N GLY B 156 -22.42 -16.89 23.78
CA GLY B 156 -23.02 -16.48 22.53
C GLY B 156 -23.01 -14.97 22.40
N ILE B 157 -23.95 -14.46 21.64
CA ILE B 157 -24.09 -13.04 21.35
C ILE B 157 -25.16 -12.38 22.22
N LYS B 158 -24.79 -11.27 22.87
CA LYS B 158 -25.80 -10.43 23.50
C LYS B 158 -26.60 -9.63 22.45
N PHE B 159 -27.43 -10.37 21.73
CA PHE B 159 -28.15 -9.89 20.58
C PHE B 159 -29.20 -8.81 20.86
N ASP B 160 -30.01 -9.07 21.88
CA ASP B 160 -31.12 -8.21 22.24
C ASP B 160 -30.55 -6.84 22.57
N GLU B 161 -29.52 -6.87 23.41
CA GLU B 161 -28.78 -5.71 23.86
C GLU B 161 -28.12 -4.94 22.69
N MET B 162 -27.57 -5.68 21.73
CA MET B 162 -26.91 -5.11 20.54
C MET B 162 -27.85 -4.25 19.70
N ILE B 163 -29.03 -4.81 19.39
CA ILE B 163 -30.04 -4.15 18.53
C ILE B 163 -30.47 -2.80 19.11
N ALA B 164 -30.72 -2.75 20.42
CA ALA B 164 -31.09 -1.54 21.13
C ALA B 164 -30.01 -0.48 21.02
N PHE B 165 -28.74 -0.90 21.12
CA PHE B 165 -27.57 -0.01 20.97
C PHE B 165 -27.60 0.67 19.60
N PHE B 166 -27.80 -0.12 18.54
CA PHE B 166 -27.94 0.38 17.16
C PHE B 166 -29.06 1.41 16.95
N GLU B 167 -30.16 1.25 17.69
CA GLU B 167 -31.23 2.25 17.71
C GLU B 167 -30.76 3.62 18.27
N THR B 168 -29.65 3.63 19.01
CA THR B 168 -29.17 4.85 19.70
C THR B 168 -28.11 5.65 18.94
N LEU B 169 -27.80 5.24 17.71
CA LEU B 169 -26.72 5.89 16.95
C LEU B 169 -27.26 6.89 15.92
N ASN B 170 -26.41 7.79 15.46
CA ASN B 170 -26.88 8.87 14.59
C ASN B 170 -26.83 8.49 13.13
N LYS B 171 -27.58 9.22 12.31
CA LYS B 171 -27.58 9.02 10.86
C LYS B 171 -26.13 9.02 10.30
N ASP B 172 -25.87 8.03 9.45
CA ASP B 172 -24.57 7.83 8.78
C ASP B 172 -23.45 7.31 9.68
N ASP B 173 -23.77 6.94 10.93
CA ASP B 173 -22.81 6.26 11.80
C ASP B 173 -22.45 4.91 11.19
N VAL B 174 -21.25 4.43 11.48
CA VAL B 174 -20.64 3.31 10.76
C VAL B 174 -20.50 2.11 11.67
N LEU B 175 -20.98 0.98 11.17
CA LEU B 175 -20.86 -0.26 11.90
C LEU B 175 -19.95 -1.14 11.12
N LEU B 176 -18.90 -1.59 11.81
CA LEU B 176 -17.92 -2.51 11.26
C LEU B 176 -18.37 -3.88 11.67
N LEU B 177 -18.78 -4.63 10.65
CA LEU B 177 -19.44 -5.91 10.79
C LEU B 177 -18.64 -7.01 10.09
N HIS B 178 -18.45 -8.12 10.80
CA HIS B 178 -17.89 -9.36 10.25
C HIS B 178 -19.04 -10.22 9.68
N PRO B 179 -19.24 -10.24 8.33
CA PRO B 179 -20.30 -11.08 7.74
C PRO B 179 -20.27 -12.51 8.20
N CYS B 180 -19.07 -13.08 8.39
CA CYS B 180 -18.92 -14.42 8.96
C CYS B 180 -17.58 -14.52 9.68
N CYS B 181 -17.35 -15.65 10.35
CA CYS B 181 -16.05 -16.04 10.91
C CYS B 181 -15.44 -14.99 11.83
N HIS B 182 -16.29 -14.44 12.70
CA HIS B 182 -15.92 -13.36 13.60
C HIS B 182 -14.52 -13.52 14.22
N ASN B 183 -13.68 -12.54 14.00
CA ASN B 183 -12.37 -12.43 14.62
C ASN B 183 -12.57 -11.51 15.81
N PRO B 184 -12.29 -11.94 17.04
CA PRO B 184 -11.54 -13.17 17.36
C PRO B 184 -12.32 -14.37 17.96
N THR B 185 -13.64 -14.29 18.02
CA THR B 185 -14.42 -15.25 18.80
C THR B 185 -14.94 -16.47 18.05
N GLY B 186 -15.25 -16.30 16.76
CA GLY B 186 -15.89 -17.35 15.98
C GLY B 186 -17.39 -17.46 16.16
N VAL B 187 -17.96 -16.63 17.02
CA VAL B 187 -19.40 -16.60 17.21
C VAL B 187 -19.98 -15.69 16.16
N ASP B 188 -20.87 -16.26 15.31
CA ASP B 188 -21.44 -15.53 14.17
C ASP B 188 -22.93 -15.31 14.33
N LEU B 189 -23.43 -14.25 13.70
CA LEU B 189 -24.85 -14.03 13.56
C LEU B 189 -25.50 -15.08 12.68
N THR B 190 -26.68 -15.50 13.11
CA THR B 190 -27.55 -16.33 12.29
C THR B 190 -28.19 -15.48 11.17
N ARG B 191 -28.70 -16.14 10.14
CA ARG B 191 -29.28 -15.47 8.99
C ARG B 191 -30.48 -14.64 9.41
N GLU B 192 -31.31 -15.19 10.30
CA GLU B 192 -32.42 -14.43 10.91
C GLU B 192 -31.86 -13.14 11.59
N GLN B 193 -30.93 -13.31 12.56
CA GLN B 193 -30.33 -12.19 13.29
C GLN B 193 -29.82 -11.07 12.36
N TRP B 194 -29.16 -11.47 11.26
CA TRP B 194 -28.68 -10.57 10.21
C TRP B 194 -29.76 -9.68 9.57
N ASP B 195 -30.96 -10.24 9.32
CA ASP B 195 -32.09 -9.48 8.75
C ASP B 195 -32.57 -8.34 9.67
N THR B 196 -32.46 -8.59 10.98
CA THR B 196 -32.85 -7.64 12.01
C THR B 196 -31.83 -6.54 12.10
N VAL B 197 -30.55 -6.93 12.06
CA VAL B 197 -29.43 -5.99 12.11
C VAL B 197 -29.51 -5.02 10.92
N LEU B 198 -29.72 -5.58 9.74
CA LEU B 198 -29.83 -4.78 8.52
C LEU B 198 -31.09 -3.90 8.50
N ASN B 199 -32.21 -4.41 9.03
CA ASN B 199 -33.44 -3.63 9.23
C ASN B 199 -33.25 -2.37 10.09
N VAL B 200 -32.64 -2.56 11.26
CA VAL B 200 -32.26 -1.41 12.11
C VAL B 200 -31.36 -0.44 11.33
N ILE B 201 -30.30 -0.98 10.70
CA ILE B 201 -29.34 -0.21 9.95
C ILE B 201 -30.08 0.63 8.94
N GLN B 202 -31.00 0.01 8.19
CA GLN B 202 -31.88 0.69 7.24
C GLN B 202 -32.66 1.84 7.91
N GLU B 203 -33.37 1.48 8.99
CA GLU B 203 -34.25 2.39 9.73
C GLU B 203 -33.50 3.57 10.35
N ARG B 204 -32.39 3.28 11.03
CA ARG B 204 -31.56 4.32 11.62
C ARG B 204 -30.67 5.01 10.59
N GLU B 205 -30.67 4.46 9.37
CA GLU B 205 -29.89 4.96 8.21
C GLU B 205 -28.36 4.95 8.45
N LEU B 206 -27.90 3.87 9.10
CA LEU B 206 -26.49 3.71 9.40
C LEU B 206 -25.76 3.16 8.18
N ILE B 207 -24.46 3.39 8.15
CA ILE B 207 -23.60 2.84 7.12
C ILE B 207 -23.05 1.50 7.60
N PRO B 208 -23.36 0.42 6.86
CA PRO B 208 -22.76 -0.84 7.24
C PRO B 208 -21.47 -1.03 6.49
N PHE B 209 -20.40 -1.19 7.26
CA PHE B 209 -19.10 -1.52 6.68
C PHE B 209 -18.77 -3.00 6.97
N MET B 210 -18.82 -3.84 5.93
CA MET B 210 -18.54 -5.24 6.14
C MET B 210 -17.10 -5.63 5.82
N ASP B 211 -16.43 -6.20 6.81
CA ASP B 211 -15.10 -6.69 6.63
C ASP B 211 -15.11 -8.20 6.66
N ILE B 212 -14.89 -8.76 5.46
CA ILE B 212 -14.90 -10.20 5.24
C ILE B 212 -13.50 -10.61 4.83
N ALA B 213 -12.82 -11.27 5.76
CA ALA B 213 -11.48 -11.76 5.55
C ALA B 213 -11.33 -13.27 5.43
N TYR B 214 -12.43 -14.03 5.60
CA TYR B 214 -12.32 -15.50 5.65
C TYR B 214 -13.36 -16.20 4.84
N GLN B 215 -13.72 -15.62 3.68
CA GLN B 215 -14.82 -16.16 2.88
C GLN B 215 -14.53 -17.61 2.45
N GLY B 216 -15.47 -18.51 2.74
CA GLY B 216 -15.23 -19.96 2.57
C GLY B 216 -14.65 -20.75 3.76
N PHE B 217 -14.37 -20.09 4.88
CA PHE B 217 -13.98 -20.79 6.13
C PHE B 217 -15.14 -20.97 7.14
N GLY B 218 -16.24 -20.23 6.96
CA GLY B 218 -17.46 -20.44 7.75
C GLY B 218 -18.27 -21.64 7.28
N GLU B 219 -19.09 -21.41 6.25
CA GLU B 219 -19.87 -22.46 5.60
C GLU B 219 -19.44 -22.71 4.12
N ASP B 220 -19.48 -21.66 3.30
CA ASP B 220 -19.08 -21.70 1.89
C ASP B 220 -19.13 -20.26 1.33
N MET B 221 -18.63 -20.08 0.10
CA MET B 221 -18.57 -18.76 -0.56
C MET B 221 -19.88 -17.96 -0.56
N ASP B 222 -21.00 -18.67 -0.78
CA ASP B 222 -22.30 -18.03 -0.88
C ASP B 222 -22.80 -17.69 0.52
N SER B 223 -22.92 -18.72 1.36
CA SER B 223 -23.41 -18.59 2.74
C SER B 223 -22.66 -17.52 3.53
N ASP B 224 -21.35 -17.42 3.32
CA ASP B 224 -20.51 -16.52 4.08
C ASP B 224 -20.77 -15.09 3.67
N ALA B 225 -21.19 -14.91 2.41
CA ALA B 225 -21.51 -13.59 1.88
C ALA B 225 -22.98 -13.22 2.07
N TYR B 226 -23.73 -14.03 2.83
CA TYR B 226 -25.17 -13.81 2.98
C TYR B 226 -25.48 -12.39 3.45
N ALA B 227 -24.80 -11.95 4.52
CA ALA B 227 -25.01 -10.59 5.04
C ALA B 227 -24.77 -9.53 3.96
N ILE B 228 -23.70 -9.69 3.17
CA ILE B 228 -23.34 -8.80 2.07
C ILE B 228 -24.50 -8.73 1.06
N ARG B 229 -25.00 -9.90 0.66
CA ARG B 229 -25.97 -10.02 -0.43
C ARG B 229 -27.38 -9.60 -0.03
N LYS B 230 -27.73 -9.80 1.25
CA LYS B 230 -29.00 -9.34 1.81
C LYS B 230 -29.00 -7.81 1.87
N ALA B 231 -27.97 -7.24 2.51
CA ALA B 231 -27.69 -5.80 2.51
C ALA B 231 -27.99 -5.12 1.16
N VAL B 232 -27.46 -5.71 0.09
CA VAL B 232 -27.64 -5.25 -1.30
C VAL B 232 -29.10 -5.13 -1.76
N ASP B 233 -29.88 -6.22 -1.59
CA ASP B 233 -31.32 -6.30 -1.91
C ASP B 233 -32.17 -5.23 -1.24
N MET B 234 -31.81 -4.92 0.01
CA MET B 234 -32.49 -3.94 0.84
C MET B 234 -32.24 -2.52 0.38
N GLY B 235 -31.22 -2.33 -0.47
CA GLY B 235 -30.89 -1.02 -1.04
C GLY B 235 -30.05 -0.19 -0.09
N LEU B 236 -29.46 -0.85 0.90
CA LEU B 236 -28.50 -0.27 1.84
C LEU B 236 -27.19 0.23 1.20
N PRO B 237 -26.61 1.30 1.75
CA PRO B 237 -25.34 1.74 1.16
C PRO B 237 -24.17 0.97 1.80
N LEU B 238 -23.75 -0.11 1.15
CA LEU B 238 -22.77 -1.01 1.76
C LEU B 238 -21.30 -0.77 1.40
N PHE B 239 -20.44 -0.98 2.38
CA PHE B 239 -18.99 -0.98 2.18
C PHE B 239 -18.47 -2.37 2.49
N VAL B 240 -17.77 -2.99 1.52
CA VAL B 240 -17.23 -4.33 1.76
C VAL B 240 -15.76 -4.31 1.50
N SER B 241 -15.02 -4.76 2.50
CA SER B 241 -13.59 -4.89 2.39
C SER B 241 -13.32 -6.35 2.45
N ASN B 242 -12.78 -6.89 1.37
CA ASN B 242 -12.46 -8.32 1.31
C ASN B 242 -10.95 -8.56 1.19
N SER B 243 -10.48 -9.52 2.00
CA SER B 243 -9.11 -9.94 2.01
C SER B 243 -8.98 -11.22 1.24
N PHE B 244 -7.87 -11.35 0.53
CA PHE B 244 -7.54 -12.62 -0.10
C PHE B 244 -6.35 -13.28 0.62
N SER B 245 -5.81 -12.58 1.63
CA SER B 245 -4.68 -13.11 2.40
C SER B 245 -4.80 -14.56 2.77
N LYS B 246 -5.91 -14.91 3.42
CA LYS B 246 -6.12 -16.21 4.03
C LYS B 246 -6.62 -17.26 3.06
N ASN B 247 -7.75 -16.99 2.41
CA ASN B 247 -8.33 -17.93 1.44
C ASN B 247 -7.53 -18.16 0.18
N LEU B 248 -6.72 -17.17 -0.19
CA LEU B 248 -5.86 -17.33 -1.35
C LEU B 248 -4.46 -17.66 -0.88
N SER B 249 -4.28 -17.73 0.44
CA SER B 249 -2.99 -18.04 1.08
C SER B 249 -1.83 -17.23 0.51
N LEU B 250 -2.04 -15.92 0.48
CA LEU B 250 -1.15 -15.05 -0.28
C LEU B 250 -0.90 -13.76 0.52
N TYR B 251 -0.88 -13.89 1.83
CA TYR B 251 -0.66 -12.79 2.78
C TYR B 251 0.40 -11.77 2.31
N GLY B 252 1.61 -12.25 2.02
CA GLY B 252 2.72 -11.41 1.63
C GLY B 252 2.48 -10.49 0.46
N GLU B 253 1.67 -10.93 -0.49
CA GLU B 253 1.40 -10.19 -1.72
C GLU B 253 0.33 -9.08 -1.61
N ARG B 254 -0.36 -9.06 -0.46
CA ARG B 254 -1.24 -7.96 -0.08
C ARG B 254 -2.38 -7.81 -1.06
N VAL B 255 -3.18 -8.85 -1.15
CA VAL B 255 -4.28 -8.83 -2.09
C VAL B 255 -5.60 -8.75 -1.35
N GLY B 256 -6.39 -7.74 -1.70
CA GLY B 256 -7.76 -7.63 -1.22
C GLY B 256 -8.56 -6.73 -2.13
N GLY B 257 -9.72 -6.30 -1.65
CA GLY B 257 -10.54 -5.38 -2.41
C GLY B 257 -11.48 -4.60 -1.52
N LEU B 258 -11.97 -3.49 -2.09
CA LEU B 258 -12.96 -2.61 -1.51
C LEU B 258 -14.03 -2.30 -2.52
N SER B 259 -15.26 -2.46 -2.06
CA SER B 259 -16.47 -2.34 -2.89
C SER B 259 -17.50 -1.50 -2.15
N VAL B 260 -18.07 -0.52 -2.87
CA VAL B 260 -19.10 0.39 -2.37
C VAL B 260 -20.34 0.29 -3.23
N VAL B 261 -21.43 -0.17 -2.62
CA VAL B 261 -22.74 -0.37 -3.25
C VAL B 261 -23.54 0.93 -3.23
N CYS B 262 -23.98 1.38 -4.40
CA CYS B 262 -24.59 2.70 -4.55
C CYS B 262 -26.03 2.63 -5.10
N PRO B 263 -26.89 3.60 -4.72
CA PRO B 263 -28.22 3.76 -5.34
C PRO B 263 -28.21 3.91 -6.87
N THR B 264 -27.31 4.73 -7.41
CA THR B 264 -27.39 5.08 -8.83
C THR B 264 -26.05 4.93 -9.55
N VAL B 265 -26.12 4.85 -10.87
CA VAL B 265 -24.96 4.83 -11.75
C VAL B 265 -24.03 6.02 -11.48
N ASP B 266 -24.62 7.20 -11.28
CA ASP B 266 -23.87 8.44 -11.07
C ASP B 266 -23.15 8.47 -9.72
N GLU B 267 -23.85 8.08 -8.66
CA GLU B 267 -23.23 7.93 -7.36
C GLU B 267 -22.06 6.93 -7.39
N THR B 268 -22.17 5.88 -8.21
CA THR B 268 -21.10 4.87 -8.35
C THR B 268 -19.86 5.45 -9.03
N GLU B 269 -20.10 6.39 -9.95
CA GLU B 269 -19.03 7.05 -10.70
C GLU B 269 -18.30 8.05 -9.81
N ARG B 270 -19.06 8.84 -9.08
CA ARG B 270 -18.52 9.78 -8.08
C ARG B 270 -17.68 9.03 -7.05
N VAL B 271 -18.23 7.93 -6.51
CA VAL B 271 -17.58 7.14 -5.47
C VAL B 271 -16.34 6.44 -6.04
N PHE B 272 -16.50 5.82 -7.21
CA PHE B 272 -15.36 5.19 -7.86
C PHE B 272 -14.25 6.21 -8.04
N GLY B 273 -14.62 7.39 -8.53
CA GLY B 273 -13.69 8.51 -8.72
C GLY B 273 -12.96 8.83 -7.44
N GLN B 274 -13.70 9.05 -6.36
CA GLN B 274 -13.08 9.42 -5.09
C GLN B 274 -12.23 8.33 -4.47
N LEU B 275 -12.65 7.08 -4.65
CA LEU B 275 -11.84 5.93 -4.29
C LEU B 275 -10.46 5.97 -4.98
N ASN B 276 -10.42 6.28 -6.27
CA ASN B 276 -9.15 6.52 -6.95
C ASN B 276 -8.34 7.66 -6.33
N SER B 277 -9.01 8.80 -6.11
CA SER B 277 -8.41 10.00 -5.50
C SER B 277 -7.74 9.63 -4.17
N THR B 278 -8.44 8.85 -3.36
CA THR B 278 -7.92 8.38 -2.07
C THR B 278 -6.65 7.49 -2.23
N VAL B 279 -6.67 6.61 -3.24
CA VAL B 279 -5.59 5.64 -3.49
C VAL B 279 -4.35 6.35 -3.97
N ARG B 280 -4.59 7.36 -4.82
CA ARG B 280 -3.55 8.21 -5.39
C ARG B 280 -2.80 8.84 -4.27
N ARG B 281 -3.53 9.47 -3.35
CA ARG B 281 -2.98 10.18 -2.21
C ARG B 281 -2.34 9.30 -1.12
N ILE B 282 -2.47 7.99 -1.23
CA ILE B 282 -1.86 7.08 -0.25
C ILE B 282 -0.65 6.36 -0.83
N TYR B 283 -0.86 5.61 -1.90
CA TYR B 283 0.18 4.72 -2.43
C TYR B 283 0.18 4.70 -3.94
N SER B 284 -0.76 5.43 -4.54
CA SER B 284 -0.84 5.60 -5.98
C SER B 284 -1.42 4.43 -6.81
N SER B 285 -0.92 3.21 -6.61
CA SER B 285 -1.38 2.04 -7.36
C SER B 285 -1.06 0.74 -6.62
N PRO B 286 -1.91 -0.30 -6.76
CA PRO B 286 -1.76 -1.58 -6.04
C PRO B 286 -0.68 -2.44 -6.72
N PRO B 287 -0.10 -3.43 -6.00
CA PRO B 287 1.06 -4.16 -6.57
C PRO B 287 0.69 -5.10 -7.71
N SER B 288 1.57 -5.15 -8.71
CA SER B 288 1.31 -5.84 -9.95
C SER B 288 1.20 -7.35 -9.80
N HIS B 289 2.09 -7.97 -9.03
CA HIS B 289 2.12 -9.42 -8.95
C HIS B 289 0.84 -10.02 -8.30
N GLY B 290 0.57 -9.63 -7.05
CA GLY B 290 -0.62 -10.06 -6.34
C GLY B 290 -1.88 -9.81 -7.16
N GLY B 291 -1.94 -8.64 -7.80
CA GLY B 291 -3.08 -8.30 -8.66
C GLY B 291 -3.25 -9.31 -9.77
N ARG B 292 -2.13 -9.64 -10.44
CA ARG B 292 -2.15 -10.58 -11.55
C ARG B 292 -2.56 -11.99 -11.10
N VAL B 293 -2.09 -12.42 -9.92
CA VAL B 293 -2.49 -13.71 -9.35
C VAL B 293 -4.02 -13.76 -9.15
N VAL B 294 -4.53 -12.71 -8.53
CA VAL B 294 -5.96 -12.59 -8.30
C VAL B 294 -6.69 -12.62 -9.64
N ASP B 295 -6.27 -11.77 -10.57
CA ASP B 295 -6.93 -11.66 -11.84
C ASP B 295 -7.03 -13.03 -12.52
N ILE B 296 -5.89 -13.73 -12.56
CA ILE B 296 -5.76 -15.04 -13.19
C ILE B 296 -6.66 -16.10 -12.54
N VAL B 297 -6.60 -16.21 -11.22
CA VAL B 297 -7.29 -17.29 -10.52
C VAL B 297 -8.81 -17.10 -10.63
N MET B 298 -9.28 -15.86 -10.49
CA MET B 298 -10.71 -15.60 -10.38
C MET B 298 -11.41 -15.73 -11.73
N ASN B 299 -10.73 -15.32 -12.79
CA ASN B 299 -11.35 -15.15 -14.09
C ASN B 299 -11.02 -16.27 -15.09
N ASP B 300 -10.25 -17.27 -14.63
CA ASP B 300 -10.05 -18.53 -15.34
C ASP B 300 -10.96 -19.56 -14.65
N ALA B 301 -12.03 -19.94 -15.34
CA ALA B 301 -13.07 -20.78 -14.76
C ALA B 301 -12.56 -22.10 -14.13
N ALA B 302 -11.60 -22.77 -14.80
CA ALA B 302 -11.03 -24.05 -14.30
C ALA B 302 -10.27 -23.80 -13.01
N LEU B 303 -9.53 -22.70 -12.98
CA LEU B 303 -8.79 -22.25 -11.80
C LEU B 303 -9.70 -21.75 -10.66
N HIS B 304 -10.71 -20.95 -10.99
CA HIS B 304 -11.72 -20.53 -10.00
C HIS B 304 -12.34 -21.77 -9.27
N GLU B 305 -12.78 -22.76 -10.06
CA GLU B 305 -13.35 -24.00 -9.55
C GLU B 305 -12.34 -24.72 -8.62
N GLN B 306 -11.09 -24.85 -9.08
CA GLN B 306 -10.05 -25.53 -8.30
C GLN B 306 -9.73 -24.78 -7.02
N TRP B 307 -9.70 -23.44 -7.12
CA TRP B 307 -9.45 -22.59 -5.97
C TRP B 307 -10.47 -22.90 -4.86
N VAL B 308 -11.74 -22.80 -5.24
CA VAL B 308 -12.88 -22.94 -4.32
C VAL B 308 -12.80 -24.24 -3.55
N GLY B 309 -12.50 -25.34 -4.25
CA GLY B 309 -12.31 -26.64 -3.61
C GLY B 309 -11.16 -26.67 -2.60
N GLU B 310 -10.12 -25.89 -2.88
CA GLU B 310 -8.92 -25.86 -2.05
C GLU B 310 -9.21 -25.03 -0.79
N VAL B 311 -10.05 -24.02 -0.90
CA VAL B 311 -10.54 -23.32 0.27
C VAL B 311 -11.37 -24.27 1.14
N TYR B 312 -12.33 -24.95 0.52
CA TYR B 312 -13.25 -25.79 1.29
C TYR B 312 -12.52 -26.91 2.02
N ALA B 313 -11.37 -27.30 1.46
CA ALA B 313 -10.49 -28.29 2.06
C ALA B 313 -10.00 -27.75 3.40
N MET B 314 -9.51 -26.53 3.37
CA MET B 314 -9.01 -25.82 4.55
C MET B 314 -10.11 -25.62 5.60
N ARG B 315 -11.31 -25.24 5.14
CA ARG B 315 -12.53 -25.15 5.93
C ARG B 315 -12.81 -26.47 6.64
N ASP B 316 -12.83 -27.57 5.86
CA ASP B 316 -13.11 -28.92 6.38
C ASP B 316 -12.06 -29.38 7.40
N ARG B 317 -10.80 -28.99 7.17
CA ARG B 317 -9.71 -29.36 8.09
C ARG B 317 -9.87 -28.67 9.45
N ILE B 318 -10.11 -27.34 9.41
CA ILE B 318 -10.43 -26.54 10.61
C ILE B 318 -11.58 -27.19 11.37
N LYS B 319 -12.59 -27.61 10.63
CA LYS B 319 -13.77 -28.18 11.23
C LYS B 319 -13.45 -29.47 11.97
N SER B 320 -12.64 -30.34 11.38
CA SER B 320 -12.32 -31.61 12.04
C SER B 320 -11.54 -31.39 13.32
N MET B 321 -10.73 -30.32 13.33
CA MET B 321 -9.90 -29.95 14.48
C MET B 321 -10.75 -29.48 15.67
N ARG B 322 -11.75 -28.63 15.39
CA ARG B 322 -12.78 -28.25 16.39
C ARG B 322 -13.44 -29.52 17.00
N THR B 323 -13.99 -30.38 16.14
CA THR B 323 -14.57 -31.68 16.57
C THR B 323 -13.63 -32.44 17.52
N LYS B 324 -12.38 -32.62 17.11
CA LYS B 324 -11.40 -33.40 17.86
C LYS B 324 -11.05 -32.73 19.21
N LEU B 325 -10.91 -31.39 19.20
CA LEU B 325 -10.70 -30.62 20.43
C LEU B 325 -11.88 -30.76 21.41
N LYS B 326 -13.11 -30.64 20.90
CA LYS B 326 -14.31 -30.78 21.71
C LYS B 326 -14.30 -32.17 22.34
N SER B 327 -14.11 -33.16 21.47
CA SER B 327 -14.14 -34.54 21.85
C SER B 327 -13.23 -34.77 23.06
N VAL B 328 -11.95 -34.43 22.92
CA VAL B 328 -10.93 -34.68 23.97
C VAL B 328 -11.25 -33.99 25.31
N LEU B 329 -11.65 -32.71 25.22
CA LEU B 329 -11.97 -31.90 26.39
C LEU B 329 -13.22 -32.45 27.11
N GLU B 330 -14.21 -32.91 26.34
CA GLU B 330 -15.41 -33.47 26.94
C GLU B 330 -15.11 -34.79 27.65
N ALA B 331 -14.21 -35.56 27.05
CA ALA B 331 -13.70 -36.80 27.63
C ALA B 331 -13.09 -36.65 29.05
N LYS B 332 -12.27 -35.63 29.26
CA LYS B 332 -11.49 -35.51 30.50
C LYS B 332 -11.97 -34.43 31.48
N ILE B 333 -12.99 -33.66 31.08
CA ILE B 333 -13.58 -32.58 31.90
C ILE B 333 -15.11 -32.67 31.97
N SER B 334 -15.61 -32.51 33.20
CA SER B 334 -17.02 -32.56 33.52
C SER B 334 -17.45 -31.28 34.24
N GLY B 335 -18.68 -30.85 33.99
CA GLY B 335 -19.21 -29.60 34.55
C GLY B 335 -19.05 -28.44 33.59
N ARG B 336 -18.55 -28.76 32.39
CA ARG B 336 -18.47 -27.80 31.29
C ARG B 336 -18.97 -28.48 30.00
N ASN B 337 -19.62 -27.67 29.19
CA ASN B 337 -20.12 -28.10 27.90
C ASN B 337 -19.22 -27.48 26.83
N PHE B 338 -18.76 -28.29 25.88
CA PHE B 338 -17.82 -27.79 24.87
C PHE B 338 -18.39 -27.66 23.46
N ASP B 339 -19.70 -27.49 23.36
CA ASP B 339 -20.40 -27.35 22.08
C ASP B 339 -20.12 -26.00 21.38
N TYR B 340 -19.77 -24.99 22.16
CA TYR B 340 -19.41 -23.67 21.63
C TYR B 340 -18.23 -23.77 20.63
N LEU B 341 -17.31 -24.69 20.90
CA LEU B 341 -16.18 -24.95 20.02
C LEU B 341 -16.60 -25.35 18.61
N THR B 342 -17.65 -26.15 18.49
CA THR B 342 -18.13 -26.56 17.19
C THR B 342 -19.24 -25.62 16.70
N ALA B 343 -19.80 -24.82 17.61
CA ALA B 343 -20.81 -23.83 17.25
C ALA B 343 -20.21 -22.63 16.51
N GLN B 344 -18.94 -22.33 16.80
CA GLN B 344 -18.18 -21.27 16.16
C GLN B 344 -17.71 -21.58 14.72
N ASN B 345 -17.36 -20.52 13.99
CA ASN B 345 -16.83 -20.67 12.63
C ASN B 345 -15.52 -19.95 12.31
N GLY B 346 -14.89 -20.44 11.24
CA GLY B 346 -13.65 -19.90 10.72
C GLY B 346 -12.40 -20.27 11.50
N MET B 347 -11.40 -19.41 11.44
CA MET B 347 -10.11 -19.74 12.02
C MET B 347 -9.99 -19.49 13.50
N PHE B 348 -10.90 -18.66 14.04
CA PHE B 348 -10.81 -18.26 15.43
C PHE B 348 -11.83 -18.85 16.38
N SER B 349 -11.38 -18.95 17.63
CA SER B 349 -12.16 -19.54 18.68
C SER B 349 -11.87 -18.85 19.99
N PHE B 350 -12.89 -18.21 20.56
CA PHE B 350 -12.84 -17.87 21.97
C PHE B 350 -13.00 -19.16 22.75
N THR B 351 -11.90 -19.59 23.37
CA THR B 351 -11.88 -20.89 24.04
C THR B 351 -12.30 -20.86 25.51
N GLY B 352 -12.60 -19.67 26.05
CA GLY B 352 -13.06 -19.56 27.43
C GLY B 352 -12.09 -19.90 28.55
N LEU B 353 -10.80 -19.68 28.30
CA LEU B 353 -9.79 -19.82 29.34
C LEU B 353 -9.47 -18.44 29.91
N THR B 354 -9.23 -18.39 31.22
CA THR B 354 -8.88 -17.17 31.92
C THR B 354 -7.52 -16.72 31.40
N PRO B 355 -7.23 -15.40 31.49
CA PRO B 355 -5.87 -14.89 31.26
C PRO B 355 -4.75 -15.66 31.96
N GLU B 356 -4.96 -16.03 33.22
CA GLU B 356 -4.01 -16.90 33.93
C GLU B 356 -3.86 -18.27 33.23
N GLN B 357 -4.97 -18.84 32.78
CA GLN B 357 -4.92 -20.13 32.09
C GLN B 357 -4.12 -20.08 30.77
N VAL B 358 -4.26 -18.98 30.02
CA VAL B 358 -3.47 -18.79 28.80
C VAL B 358 -1.99 -18.68 29.18
N GLU B 359 -1.73 -17.94 30.27
CA GLU B 359 -0.40 -17.76 30.83
C GLU B 359 0.30 -19.09 31.20
N ARG B 360 -0.46 -20.06 31.73
CA ARG B 360 0.09 -21.35 32.11
C ARG B 360 0.44 -22.19 30.87
N LEU B 361 -0.36 -22.03 29.82
CA LEU B 361 -0.18 -22.75 28.58
C LEU B 361 1.12 -22.37 27.85
N GLN B 362 1.45 -21.09 27.93
CA GLN B 362 2.68 -20.59 27.37
C GLN B 362 3.85 -21.02 28.22
N SER B 363 3.75 -20.77 29.52
CA SER B 363 4.85 -20.97 30.45
C SER B 363 5.39 -22.40 30.43
N GLU B 364 4.54 -23.40 30.66
CA GLU B 364 5.02 -24.78 30.80
C GLU B 364 4.98 -25.61 29.51
N PHE B 365 4.08 -25.26 28.60
CA PHE B 365 3.87 -26.05 27.39
C PHE B 365 4.41 -25.43 26.14
N GLY B 366 4.59 -24.12 26.14
CA GLY B 366 4.94 -23.40 24.93
C GLY B 366 3.75 -23.35 23.98
N ILE B 367 2.53 -23.41 24.53
CA ILE B 367 1.32 -23.23 23.72
C ILE B 367 0.89 -21.75 23.77
N TYR B 368 0.84 -21.13 22.59
CA TYR B 368 0.66 -19.68 22.50
C TYR B 368 -0.69 -19.29 21.98
N MET B 369 -1.47 -18.70 22.89
CA MET B 369 -2.75 -18.06 22.62
C MET B 369 -2.77 -16.58 23.07
N ILE B 370 -3.70 -15.79 22.52
CA ILE B 370 -3.94 -14.40 23.02
C ILE B 370 -4.54 -14.44 24.42
N SER B 371 -4.20 -13.47 25.26
CA SER B 371 -4.70 -13.38 26.65
C SER B 371 -6.24 -13.36 26.79
N ASN B 372 -6.92 -12.82 25.77
CA ASN B 372 -8.38 -12.75 25.73
C ASN B 372 -9.00 -14.13 25.42
N SER B 373 -8.11 -15.10 25.16
CA SER B 373 -8.42 -16.51 24.88
C SER B 373 -8.54 -16.92 23.39
N ARG B 374 -8.31 -15.97 22.47
CA ARG B 374 -8.45 -16.31 21.04
C ARG B 374 -7.40 -17.33 20.69
N MET B 375 -7.84 -18.33 19.94
CA MET B 375 -7.01 -19.42 19.47
C MET B 375 -7.29 -19.58 17.99
N CYS B 376 -6.21 -19.72 17.22
CA CYS B 376 -6.35 -19.96 15.81
C CYS B 376 -6.38 -21.46 15.73
N VAL B 377 -7.55 -21.97 15.38
CA VAL B 377 -7.79 -23.40 15.22
C VAL B 377 -6.89 -23.97 14.13
N ALA B 378 -6.62 -23.16 13.10
CA ALA B 378 -5.82 -23.60 11.94
C ALA B 378 -4.33 -23.91 12.28
N GLY B 379 -3.93 -23.64 13.52
CA GLY B 379 -2.60 -24.05 14.01
C GLY B 379 -2.59 -25.44 14.61
N LEU B 380 -3.76 -26.07 14.57
CA LEU B 380 -3.93 -27.45 15.04
C LEU B 380 -3.94 -28.41 13.87
N ASN B 381 -3.22 -29.51 14.06
CA ASN B 381 -3.09 -30.65 13.12
C ASN B 381 -3.04 -31.95 13.95
N SER B 382 -3.16 -33.11 13.31
CA SER B 382 -3.11 -34.40 14.05
C SER B 382 -1.83 -34.61 14.87
N SER B 383 -0.73 -33.98 14.46
CA SER B 383 0.54 -34.14 15.14
C SER B 383 0.59 -33.45 16.51
N ASN B 384 -0.03 -32.28 16.62
CA ASN B 384 -0.06 -31.57 17.92
C ASN B 384 -1.41 -31.59 18.67
N ILE B 385 -2.45 -32.06 17.99
CA ILE B 385 -3.81 -32.02 18.52
C ILE B 385 -3.91 -32.60 19.94
N ASP B 386 -3.39 -33.81 20.15
CA ASP B 386 -3.47 -34.50 21.42
C ASP B 386 -2.74 -33.72 22.52
N TYR B 387 -1.56 -33.21 22.17
CA TYR B 387 -0.69 -32.44 23.06
C TYR B 387 -1.39 -31.18 23.61
N VAL B 388 -2.09 -30.49 22.71
CA VAL B 388 -2.75 -29.22 23.02
C VAL B 388 -3.98 -29.44 23.89
N ALA B 389 -4.82 -30.41 23.52
CA ALA B 389 -6.04 -30.68 24.26
C ALA B 389 -5.75 -31.17 25.68
N ASN B 390 -4.72 -32.00 25.82
CA ASN B 390 -4.28 -32.48 27.12
C ASN B 390 -3.74 -31.36 27.99
N ALA B 391 -2.99 -30.47 27.37
CA ALA B 391 -2.47 -29.29 28.05
C ALA B 391 -3.61 -28.40 28.51
N MET B 392 -4.63 -28.25 27.66
CA MET B 392 -5.87 -27.55 28.03
C MET B 392 -6.62 -28.20 29.18
N VAL B 393 -6.67 -29.52 29.18
CA VAL B 393 -7.26 -30.27 30.27
C VAL B 393 -6.56 -29.94 31.60
N ASP B 394 -5.22 -30.05 31.63
CA ASP B 394 -4.42 -29.79 32.85
C ASP B 394 -4.65 -28.40 33.42
N VAL B 395 -4.70 -27.41 32.54
CA VAL B 395 -4.87 -26.02 32.92
C VAL B 395 -6.29 -25.80 33.44
N LEU B 396 -7.26 -26.48 32.82
CA LEU B 396 -8.68 -26.38 33.24
C LEU B 396 -9.00 -27.17 34.51
N LYS B 397 -8.39 -28.35 34.68
CA LYS B 397 -8.60 -29.21 35.86
C LYS B 397 -8.33 -28.54 37.21
N ASP B 398 -7.30 -27.70 37.28
CA ASP B 398 -7.05 -26.94 38.50
C ASP B 398 -7.77 -25.58 38.52
#